data_6LUE
#
_entry.id   6LUE
#
_cell.length_a   130.551
_cell.length_b   143.260
_cell.length_c   76.730
_cell.angle_alpha   90.000
_cell.angle_beta   118.650
_cell.angle_gamma   90.000
#
_symmetry.space_group_name_H-M   'C 1 2 1'
#
loop_
_entity.id
_entity.type
_entity.pdbx_description
1 polymer Cryptochrome-1
2 non-polymer 2-bromanyl-N-(5,6,7,8-tetrahydro-[1]benzothiolo[2,3-d]pyrimidin-4-yl)benzamide
3 water water
#
_entity_poly.entity_id   1
_entity_poly.type   'polypeptide(L)'
_entity_poly.pdbx_seq_one_letter_code
;GTMGVNAVHWFRKGLRLHDNPALKECIQGADTIRCVYILDPWFAGSSNVGINRWRFLLQCLEDLDANLRKLNSRLFVIRG
QPADVFPRLFKEWNITKLSIEYDSEPFGKERDAAIKKLATEAGVEVIVRISHTLYDLDKIIELNGGQPPLTYKRFQTLVS
KMEPLEMPADTITSDVIGKCMTPLSDDHDEKYGVPSLEELGFDTDGLSSAVWPGGETEALTRLERHLERKAWVANFERPR
MNANSLLASPTGLSPYLRFGCLSCRLFYFKLTDLYKKVKKNSSPPLSLYGQLLWREFFYTAATNNPRFDKMEGNPICVQI
PWDKNPEALAKWAEGRTGFPWIDAIMTQLRQEGWIHHLARHAVACFLTRGDLWISWEEGMKVFEELLLDADWSINAGSWM
WLSCSSFFQQFFHCYCPVGFGRRTDPNGDYIRRYLPVLRGFPAKYIYDPWNAPEGIQKVAKCLIGVNYPKPMVNHAEASR
LNIERMKQIYQQLSRYRG
;
_entity_poly.pdbx_strand_id   A,B
#
loop_
_chem_comp.id
_chem_comp.type
_chem_comp.name
_chem_comp.formula
EUL non-polymer 2-bromanyl-N-(5,6,7,8-tetrahydro-[1]benzothiolo[2,3-d]pyrimidin-4-yl)benzamide 'C17 H14 Br N3 O S'
#
# COMPACT_ATOMS: atom_id res chain seq x y z
N GLY A 4 39.44 -7.67 -40.76
CA GLY A 4 38.10 -7.18 -41.03
C GLY A 4 37.47 -6.39 -39.90
N VAL A 5 36.23 -6.71 -39.56
CA VAL A 5 35.47 -5.97 -38.55
C VAL A 5 35.47 -6.80 -37.27
N ASN A 6 36.15 -6.30 -36.26
CA ASN A 6 36.29 -6.97 -34.98
C ASN A 6 35.59 -6.15 -33.91
N ALA A 7 34.65 -6.80 -33.21
CA ALA A 7 33.76 -6.14 -32.27
C ALA A 7 34.00 -6.67 -30.86
N VAL A 8 33.75 -5.81 -29.89
CA VAL A 8 33.67 -6.20 -28.49
C VAL A 8 32.33 -5.71 -27.94
N HIS A 9 31.62 -6.59 -27.24
CA HIS A 9 30.49 -6.17 -26.43
C HIS A 9 30.89 -6.18 -24.96
N TRP A 10 30.70 -5.05 -24.29
CA TRP A 10 31.15 -4.85 -22.91
C TRP A 10 29.98 -5.11 -21.97
N PHE A 11 30.03 -6.23 -21.25
CA PHE A 11 29.04 -6.56 -20.24
C PHE A 11 29.32 -5.78 -18.95
N ARG A 12 28.28 -5.15 -18.40
CA ARG A 12 28.32 -4.57 -17.06
C ARG A 12 27.06 -5.02 -16.33
N LYS A 13 25.95 -4.38 -16.67
CA LYS A 13 24.64 -4.92 -16.42
C LYS A 13 24.22 -5.67 -17.68
N GLY A 14 22.95 -6.04 -17.75
CA GLY A 14 22.46 -6.78 -18.89
C GLY A 14 23.23 -8.06 -19.10
N LEU A 15 23.38 -8.86 -18.03
CA LEU A 15 24.19 -10.08 -18.09
C LEU A 15 23.32 -11.21 -18.61
N ARG A 16 23.07 -11.19 -19.92
CA ARG A 16 22.08 -12.07 -20.53
C ARG A 16 22.23 -12.05 -22.05
N LEU A 17 21.76 -13.14 -22.67
CA LEU A 17 21.69 -13.23 -24.13
C LEU A 17 20.32 -12.86 -24.69
N HIS A 18 19.27 -12.91 -23.88
CA HIS A 18 17.97 -12.48 -24.38
C HIS A 18 17.83 -10.98 -24.20
N ASP A 19 16.97 -10.39 -25.02
CA ASP A 19 16.70 -8.94 -25.03
C ASP A 19 17.96 -8.12 -24.78
N ASN A 20 18.95 -8.28 -25.67
CA ASN A 20 20.22 -7.56 -25.59
C ASN A 20 20.43 -6.82 -26.91
N PRO A 21 19.73 -5.69 -27.11
CA PRO A 21 19.85 -4.98 -28.41
C PRO A 21 21.24 -4.50 -28.73
N ALA A 22 22.01 -4.07 -27.72
CA ALA A 22 23.39 -3.64 -27.98
C ALA A 22 24.23 -4.79 -28.53
N LEU A 23 24.13 -5.96 -27.91
CA LEU A 23 24.87 -7.12 -28.40
C LEU A 23 24.37 -7.54 -29.78
N LYS A 24 23.06 -7.48 -30.00
CA LYS A 24 22.51 -7.88 -31.29
C LYS A 24 23.02 -6.96 -32.40
N GLU A 25 23.01 -5.65 -32.16
CA GLU A 25 23.48 -4.70 -33.17
C GLU A 25 24.99 -4.79 -33.36
N CYS A 26 25.74 -5.06 -32.29
CA CYS A 26 27.18 -5.24 -32.43
C CYS A 26 27.53 -6.39 -33.35
N ILE A 27 26.81 -7.51 -33.24
CA ILE A 27 27.12 -8.69 -34.03
C ILE A 27 26.89 -8.43 -35.52
N GLN A 28 25.93 -7.58 -35.88
CA GLN A 28 25.59 -7.38 -37.28
C GLN A 28 26.76 -6.74 -38.04
N GLY A 29 27.10 -7.33 -39.19
CA GLY A 29 28.21 -6.86 -40.00
C GLY A 29 29.59 -7.10 -39.42
N ALA A 30 29.68 -7.74 -38.25
CA ALA A 30 30.97 -8.02 -37.64
C ALA A 30 31.51 -9.37 -38.09
N ASP A 31 32.83 -9.46 -38.25
CA ASP A 31 33.47 -10.73 -38.59
C ASP A 31 33.84 -11.52 -37.34
N THR A 32 34.25 -10.85 -36.26
CA THR A 32 34.52 -11.51 -34.99
C THR A 32 33.85 -10.74 -33.86
N ILE A 33 33.46 -11.45 -32.80
CA ILE A 33 32.88 -10.83 -31.62
C ILE A 33 33.54 -11.41 -30.38
N ARG A 34 33.88 -10.53 -29.43
CA ARG A 34 34.34 -10.95 -28.11
C ARG A 34 33.52 -10.23 -27.05
N CYS A 35 32.89 -11.01 -26.17
CA CYS A 35 32.13 -10.48 -25.04
C CYS A 35 33.03 -10.38 -23.82
N VAL A 36 33.18 -9.16 -23.28
CA VAL A 36 34.09 -8.91 -22.18
C VAL A 36 33.30 -8.43 -20.96
N TYR A 37 33.76 -8.84 -19.78
CA TYR A 37 33.39 -8.23 -18.51
C TYR A 37 34.67 -7.75 -17.83
N ILE A 38 34.66 -6.52 -17.31
CA ILE A 38 35.83 -5.92 -16.68
C ILE A 38 35.59 -5.75 -15.18
N LEU A 39 36.43 -6.39 -14.36
CA LEU A 39 36.37 -6.26 -12.91
C LEU A 39 37.17 -5.05 -12.46
N ASP A 40 36.50 -4.13 -11.74
CA ASP A 40 37.10 -2.89 -11.25
C ASP A 40 38.44 -3.10 -10.52
N ASN A 48 33.24 -1.35 -1.56
CA ASN A 48 32.03 -1.51 -0.79
C ASN A 48 31.10 -2.55 -1.41
N VAL A 49 31.62 -3.74 -1.67
CA VAL A 49 30.84 -4.84 -2.22
C VAL A 49 31.08 -6.07 -1.37
N GLY A 50 30.00 -6.60 -0.77
CA GLY A 50 30.08 -7.76 0.09
C GLY A 50 30.19 -9.07 -0.68
N ILE A 51 30.34 -10.15 0.08
CA ILE A 51 30.64 -11.44 -0.55
C ILE A 51 29.42 -11.97 -1.30
N ASN A 52 28.21 -11.76 -0.77
CA ASN A 52 27.01 -12.25 -1.46
C ASN A 52 26.84 -11.59 -2.83
N ARG A 53 27.11 -10.29 -2.91
CA ARG A 53 27.05 -9.60 -4.20
C ARG A 53 28.07 -10.17 -5.17
N TRP A 54 29.31 -10.36 -4.71
CA TRP A 54 30.37 -10.92 -5.55
C TRP A 54 30.02 -12.32 -6.00
N ARG A 55 29.54 -13.17 -5.09
CA ARG A 55 29.15 -14.53 -5.49
C ARG A 55 28.04 -14.51 -6.52
N PHE A 56 27.04 -13.63 -6.35
CA PHE A 56 25.97 -13.54 -7.34
C PHE A 56 26.54 -13.11 -8.71
N LEU A 57 27.36 -12.07 -8.73
CA LEU A 57 27.96 -11.63 -9.99
C LEU A 57 28.75 -12.75 -10.64
N LEU A 58 29.62 -13.42 -9.86
CA LEU A 58 30.45 -14.47 -10.45
C LEU A 58 29.60 -15.58 -11.03
N GLN A 59 28.48 -15.92 -10.37
CA GLN A 59 27.59 -16.92 -10.96
C GLN A 59 26.89 -16.40 -12.21
N CYS A 60 26.62 -15.09 -12.28
CA CYS A 60 26.08 -14.50 -13.52
C CYS A 60 27.04 -14.71 -14.67
N LEU A 61 28.33 -14.45 -14.42
CA LEU A 61 29.35 -14.57 -15.46
C LEU A 61 29.54 -16.02 -15.85
N GLU A 62 29.57 -16.92 -14.85
CA GLU A 62 29.61 -18.36 -15.10
C GLU A 62 28.47 -18.78 -16.01
N ASP A 63 27.25 -18.30 -15.73
CA ASP A 63 26.11 -18.65 -16.57
C ASP A 63 26.26 -18.05 -17.96
N LEU A 64 26.68 -16.79 -18.05
CA LEU A 64 26.93 -16.16 -19.33
C LEU A 64 27.95 -16.95 -20.13
N ASP A 65 29.07 -17.32 -19.49
CA ASP A 65 30.10 -18.08 -20.19
C ASP A 65 29.54 -19.38 -20.74
N ALA A 66 28.81 -20.13 -19.91
CA ALA A 66 28.27 -21.41 -20.36
C ALA A 66 27.28 -21.23 -21.52
N ASN A 67 26.51 -20.15 -21.50
CA ASN A 67 25.58 -19.90 -22.61
C ASN A 67 26.31 -19.47 -23.86
N LEU A 68 27.43 -18.73 -23.73
CA LEU A 68 28.23 -18.41 -24.92
C LEU A 68 28.93 -19.66 -25.46
N ARG A 69 29.35 -20.57 -24.58
CA ARG A 69 29.98 -21.79 -25.07
C ARG A 69 29.03 -22.61 -25.93
N LYS A 70 27.73 -22.54 -25.66
CA LYS A 70 26.77 -23.23 -26.50
C LYS A 70 26.76 -22.67 -27.92
N LEU A 71 27.19 -21.42 -28.09
CA LEU A 71 27.32 -20.78 -29.40
C LEU A 71 28.77 -20.82 -29.89
N ASN A 72 29.60 -21.70 -29.34
CA ASN A 72 31.03 -21.79 -29.66
C ASN A 72 31.73 -20.46 -29.43
N SER A 73 31.30 -19.75 -28.39
CA SER A 73 31.95 -18.53 -27.95
C SER A 73 32.40 -18.71 -26.50
N ARG A 74 32.93 -17.65 -25.91
CA ARG A 74 33.31 -17.64 -24.50
C ARG A 74 33.12 -16.22 -23.97
N LEU A 75 33.02 -16.10 -22.65
CA LEU A 75 33.13 -14.81 -21.99
C LEU A 75 34.60 -14.53 -21.66
N PHE A 76 35.02 -13.29 -21.92
CA PHE A 76 36.36 -12.81 -21.60
C PHE A 76 36.28 -11.95 -20.35
N VAL A 77 36.86 -12.41 -19.24
CA VAL A 77 36.87 -11.66 -17.98
C VAL A 77 38.25 -11.06 -17.79
N ILE A 78 38.30 -9.74 -17.62
CA ILE A 78 39.54 -9.00 -17.48
C ILE A 78 39.45 -8.14 -16.23
N ARG A 79 40.54 -8.05 -15.47
CA ARG A 79 40.59 -7.22 -14.27
C ARG A 79 41.41 -5.97 -14.55
N GLY A 80 40.85 -4.81 -14.25
CA GLY A 80 41.54 -3.56 -14.53
C GLY A 80 40.55 -2.41 -14.60
N GLN A 81 41.12 -1.23 -14.76
CA GLN A 81 40.30 -0.05 -14.99
C GLN A 81 39.97 0.04 -16.48
N PRO A 82 38.69 0.20 -16.84
CA PRO A 82 38.31 0.23 -18.25
C PRO A 82 39.10 1.22 -19.10
N ALA A 83 39.40 2.41 -18.57
CA ALA A 83 40.17 3.38 -19.35
C ALA A 83 41.60 2.92 -19.59
N ASP A 84 42.14 2.06 -18.73
CA ASP A 84 43.44 1.46 -18.99
C ASP A 84 43.32 0.27 -19.94
N VAL A 85 42.24 -0.51 -19.77
CA VAL A 85 42.13 -1.82 -20.40
C VAL A 85 41.72 -1.70 -21.87
N PHE A 86 40.73 -0.86 -22.16
CA PHE A 86 40.23 -0.77 -23.52
C PHE A 86 41.27 -0.30 -24.53
N PRO A 87 42.13 0.69 -24.25
CA PRO A 87 43.19 1.00 -25.23
C PRO A 87 44.04 -0.21 -25.60
N ARG A 88 44.42 -1.03 -24.62
CA ARG A 88 45.17 -2.24 -24.91
C ARG A 88 44.34 -3.20 -25.76
N LEU A 89 43.10 -3.44 -25.36
CA LEU A 89 42.23 -4.35 -26.09
C LEU A 89 42.05 -3.90 -27.54
N PHE A 90 41.82 -2.61 -27.75
CA PHE A 90 41.58 -2.10 -29.10
C PHE A 90 42.74 -2.48 -30.03
N LYS A 91 43.98 -2.40 -29.52
CA LYS A 91 45.14 -2.74 -30.32
C LYS A 91 45.36 -4.25 -30.38
N GLU A 92 45.32 -4.93 -29.22
CA GLU A 92 45.54 -6.38 -29.18
C GLU A 92 44.62 -7.11 -30.15
N TRP A 93 43.34 -6.74 -30.18
CA TRP A 93 42.33 -7.42 -30.97
C TRP A 93 41.94 -6.67 -32.24
N ASN A 94 42.55 -5.51 -32.50
CA ASN A 94 42.27 -4.73 -33.71
C ASN A 94 40.78 -4.43 -33.84
N ILE A 95 40.23 -3.87 -32.77
CA ILE A 95 38.79 -3.64 -32.64
C ILE A 95 38.41 -2.37 -33.39
N THR A 96 37.25 -2.38 -34.04
CA THR A 96 36.67 -1.16 -34.59
C THR A 96 35.22 -0.95 -34.18
N LYS A 97 34.69 -1.78 -33.27
CA LYS A 97 33.28 -1.74 -32.89
C LYS A 97 33.16 -2.12 -31.41
N LEU A 98 32.57 -1.24 -30.60
CA LEU A 98 32.32 -1.50 -29.19
C LEU A 98 30.86 -1.24 -28.88
N SER A 99 30.22 -2.17 -28.15
CA SER A 99 28.83 -1.99 -27.76
C SER A 99 28.68 -2.03 -26.24
N ILE A 100 27.77 -1.21 -25.73
CA ILE A 100 27.33 -1.22 -24.35
C ILE A 100 25.82 -1.03 -24.27
N GLU A 101 25.23 -1.59 -23.24
CA GLU A 101 23.91 -1.16 -22.79
C GLU A 101 24.05 0.16 -22.04
N TYR A 102 23.19 1.12 -22.37
CA TYR A 102 23.25 2.44 -21.76
C TYR A 102 23.10 2.35 -20.24
N ASP A 103 23.91 3.14 -19.53
CA ASP A 103 23.84 3.24 -18.08
C ASP A 103 23.39 4.65 -17.72
N SER A 104 22.19 4.75 -17.13
CA SER A 104 21.64 6.07 -16.80
C SER A 104 22.21 6.65 -15.53
N GLU A 105 22.84 5.84 -14.68
CA GLU A 105 23.27 6.32 -13.38
C GLU A 105 24.50 7.24 -13.52
N PRO A 106 24.59 8.32 -12.73
CA PRO A 106 25.57 9.38 -13.05
C PRO A 106 27.01 8.91 -13.06
N PHE A 107 27.41 8.02 -12.15
CA PHE A 107 28.78 7.50 -12.20
C PHE A 107 28.99 6.64 -13.45
N GLY A 108 27.96 5.90 -13.87
CA GLY A 108 28.09 5.12 -15.09
C GLY A 108 28.09 5.99 -16.34
N LYS A 109 27.26 7.03 -16.35
CA LYS A 109 27.31 8.03 -17.41
C LYS A 109 28.71 8.60 -17.55
N GLU A 110 29.31 9.00 -16.43
CA GLU A 110 30.64 9.60 -16.43
C GLU A 110 31.69 8.63 -16.98
N ARG A 111 31.66 7.37 -16.51
CA ARG A 111 32.61 6.39 -17.00
C ARG A 111 32.45 6.17 -18.50
N ASP A 112 31.20 6.13 -18.97
CA ASP A 112 30.93 5.74 -20.36
C ASP A 112 31.30 6.86 -21.32
N ALA A 113 31.09 8.12 -20.93
CA ALA A 113 31.53 9.23 -21.76
C ALA A 113 33.05 9.23 -21.92
N ALA A 114 33.77 8.87 -20.85
CA ALA A 114 35.23 8.76 -20.95
C ALA A 114 35.64 7.64 -21.91
N ILE A 115 34.98 6.48 -21.83
CA ILE A 115 35.34 5.37 -22.71
C ILE A 115 34.96 5.69 -24.14
N LYS A 116 33.81 6.33 -24.36
CA LYS A 116 33.42 6.73 -25.71
C LYS A 116 34.46 7.66 -26.31
N LYS A 117 34.96 8.63 -25.52
CA LYS A 117 36.04 9.50 -25.96
C LYS A 117 37.26 8.69 -26.36
N LEU A 118 37.72 7.79 -25.48
CA LEU A 118 38.85 6.92 -25.81
C LEU A 118 38.60 6.13 -27.08
N ALA A 119 37.40 5.57 -27.23
CA ALA A 119 37.12 4.74 -28.40
C ALA A 119 37.16 5.55 -29.69
N THR A 120 36.55 6.74 -29.68
CA THR A 120 36.57 7.60 -30.87
C THR A 120 38.00 7.92 -31.29
N GLU A 121 38.81 8.41 -30.35
CA GLU A 121 40.23 8.67 -30.64
C GLU A 121 40.91 7.44 -31.23
N ALA A 122 40.58 6.24 -30.73
CA ALA A 122 41.15 5.02 -31.30
C ALA A 122 40.56 4.67 -32.66
N GLY A 123 39.46 5.30 -33.06
CA GLY A 123 38.79 4.94 -34.28
C GLY A 123 37.71 3.89 -34.14
N VAL A 124 37.28 3.59 -32.91
CA VAL A 124 36.27 2.56 -32.67
C VAL A 124 34.91 3.21 -32.58
N GLU A 125 33.95 2.74 -33.36
CA GLU A 125 32.57 3.18 -33.20
C GLU A 125 31.96 2.55 -31.95
N VAL A 126 31.10 3.31 -31.26
CA VAL A 126 30.50 2.89 -30.00
C VAL A 126 29.00 2.75 -30.21
N ILE A 127 28.49 1.54 -29.97
CA ILE A 127 27.06 1.26 -30.07
C ILE A 127 26.46 1.25 -28.66
N VAL A 128 25.47 2.11 -28.42
CA VAL A 128 24.83 2.26 -27.13
C VAL A 128 23.33 2.01 -27.29
N ARG A 129 22.78 1.12 -26.48
CA ARG A 129 21.37 0.78 -26.59
C ARG A 129 20.72 0.71 -25.22
N ILE A 130 19.50 1.24 -25.13
CA ILE A 130 18.73 1.20 -23.91
C ILE A 130 18.10 -0.18 -23.75
N SER A 131 18.33 -0.81 -22.60
CA SER A 131 17.71 -2.10 -22.33
C SER A 131 17.62 -2.41 -20.83
N HIS A 132 18.18 -1.56 -19.96
CA HIS A 132 18.09 -1.81 -18.53
C HIS A 132 16.88 -1.14 -17.89
N THR A 133 16.24 -0.20 -18.58
CA THR A 133 15.00 0.42 -18.14
C THR A 133 13.95 0.23 -19.21
N LEU A 134 12.68 0.36 -18.82
CA LEU A 134 11.60 0.17 -19.76
C LEU A 134 11.58 1.27 -20.81
N TYR A 135 11.90 2.49 -20.41
CA TYR A 135 11.81 3.66 -21.26
C TYR A 135 13.15 4.37 -21.31
N ASP A 136 13.27 5.24 -22.31
CA ASP A 136 14.32 6.25 -22.31
C ASP A 136 14.03 7.27 -21.21
N LEU A 137 14.92 7.34 -20.20
CA LEU A 137 14.68 8.26 -19.08
C LEU A 137 14.73 9.71 -19.52
N ASP A 138 15.49 10.02 -20.56
CA ASP A 138 15.58 11.40 -21.02
C ASP A 138 14.25 11.87 -21.60
N LYS A 139 13.51 10.97 -22.27
CA LYS A 139 12.22 11.36 -22.82
C LYS A 139 11.20 11.61 -21.73
N ILE A 140 11.23 10.81 -20.66
CA ILE A 140 10.34 11.03 -19.53
C ILE A 140 10.62 12.38 -18.90
N ILE A 141 11.91 12.70 -18.74
CA ILE A 141 12.28 13.98 -18.14
C ILE A 141 11.88 15.14 -19.06
N GLU A 142 12.05 14.98 -20.37
CA GLU A 142 11.63 16.02 -21.31
C GLU A 142 10.12 16.24 -21.26
N LEU A 143 9.34 15.15 -21.20
CA LEU A 143 7.89 15.29 -21.15
C LEU A 143 7.43 16.01 -19.89
N ASN A 144 8.11 15.78 -18.76
CA ASN A 144 7.78 16.46 -17.52
C ASN A 144 8.35 17.87 -17.45
N GLY A 145 9.01 18.34 -18.51
CA GLY A 145 9.46 19.71 -18.59
C GLY A 145 10.90 19.97 -18.25
N GLY A 146 11.74 18.94 -18.20
CA GLY A 146 13.17 19.10 -17.95
C GLY A 146 13.62 18.64 -16.59
N GLN A 147 12.70 18.32 -15.68
CA GLN A 147 13.06 17.81 -14.37
C GLN A 147 12.29 16.51 -14.11
N PRO A 148 12.92 15.54 -13.46
CA PRO A 148 12.21 14.30 -13.15
C PRO A 148 11.10 14.57 -12.16
N PRO A 149 10.00 13.83 -12.23
CA PRO A 149 8.97 13.94 -11.19
C PRO A 149 9.47 13.38 -9.87
N LEU A 150 9.00 13.98 -8.78
CA LEU A 150 9.34 13.51 -7.44
C LEU A 150 8.14 12.89 -6.72
N THR A 151 7.04 12.64 -7.43
CA THR A 151 5.93 11.88 -6.90
C THR A 151 5.62 10.74 -7.86
N TYR A 152 5.30 9.58 -7.30
CA TYR A 152 5.01 8.43 -8.13
C TYR A 152 3.78 8.67 -9.00
N LYS A 153 2.80 9.40 -8.47
CA LYS A 153 1.56 9.64 -9.21
C LYS A 153 1.83 10.42 -10.50
N ARG A 154 2.63 11.49 -10.41
CA ARG A 154 3.02 12.22 -11.61
C ARG A 154 3.83 11.32 -12.56
N PHE A 155 4.68 10.46 -12.01
CA PHE A 155 5.42 9.52 -12.85
C PHE A 155 4.46 8.58 -13.58
N GLN A 156 3.47 8.05 -12.88
CA GLN A 156 2.48 7.19 -13.52
C GLN A 156 1.73 7.94 -14.61
N THR A 157 1.44 9.22 -14.37
CA THR A 157 0.77 10.02 -15.39
C THR A 157 1.65 10.16 -16.64
N LEU A 158 2.96 10.32 -16.46
CA LEU A 158 3.87 10.40 -17.59
C LEU A 158 3.94 9.09 -18.35
N VAL A 159 4.06 7.96 -17.62
CA VAL A 159 4.16 6.65 -18.25
C VAL A 159 2.93 6.36 -19.09
N SER A 160 1.75 6.68 -18.55
CA SER A 160 0.50 6.36 -19.25
C SER A 160 0.35 7.16 -20.53
N LYS A 161 1.11 8.26 -20.69
CA LYS A 161 1.13 9.04 -21.92
C LYS A 161 2.17 8.55 -22.92
N MET A 162 3.15 7.75 -22.48
CA MET A 162 4.22 7.29 -23.35
C MET A 162 3.68 6.38 -24.45
N GLU A 163 4.55 6.10 -25.42
CA GLU A 163 4.18 5.20 -26.50
C GLU A 163 4.21 3.75 -26.02
N PRO A 164 3.54 2.84 -26.74
CA PRO A 164 3.61 1.42 -26.36
C PRO A 164 5.03 0.89 -26.49
N LEU A 165 5.39 0.03 -25.54
CA LEU A 165 6.73 -0.55 -25.52
C LEU A 165 6.96 -1.42 -26.75
N GLU A 166 8.08 -1.18 -27.43
CA GLU A 166 8.46 -2.02 -28.55
C GLU A 166 8.86 -3.41 -28.05
N MET A 167 8.85 -4.37 -28.97
CA MET A 167 9.13 -5.76 -28.63
C MET A 167 10.58 -5.92 -28.19
N PRO A 168 10.85 -6.85 -27.27
CA PRO A 168 12.24 -7.09 -26.86
C PRO A 168 13.09 -7.63 -28.00
N ALA A 169 14.38 -7.30 -27.95
CA ALA A 169 15.30 -7.72 -29.00
C ALA A 169 15.38 -9.24 -29.09
N ASP A 170 15.63 -9.73 -30.31
CA ASP A 170 15.80 -11.16 -30.53
C ASP A 170 16.92 -11.70 -29.66
N THR A 171 16.67 -12.84 -29.04
CA THR A 171 17.69 -13.53 -28.26
C THR A 171 18.91 -13.82 -29.15
N ILE A 172 20.10 -13.68 -28.57
CA ILE A 172 21.31 -14.02 -29.31
C ILE A 172 21.34 -15.54 -29.50
N THR A 173 21.10 -15.99 -30.73
CA THR A 173 21.18 -17.40 -31.12
C THR A 173 22.15 -17.55 -32.29
N SER A 174 22.22 -18.78 -32.82
CA SER A 174 23.11 -19.09 -33.94
C SER A 174 22.66 -18.35 -35.19
N ASP A 175 21.35 -18.23 -35.41
CA ASP A 175 20.82 -17.47 -36.55
C ASP A 175 21.24 -16.02 -36.49
N VAL A 176 21.12 -15.40 -35.31
CA VAL A 176 21.53 -14.02 -35.16
C VAL A 176 23.03 -13.86 -35.37
N ILE A 177 23.81 -14.82 -34.87
CA ILE A 177 25.26 -14.74 -34.96
C ILE A 177 25.71 -14.79 -36.43
N GLY A 178 25.09 -15.66 -37.21
CA GLY A 178 25.42 -15.74 -38.63
C GLY A 178 26.87 -16.12 -38.84
N LYS A 179 27.54 -15.37 -39.71
CA LYS A 179 28.94 -15.61 -40.04
C LYS A 179 29.90 -15.13 -38.96
N CYS A 180 29.43 -14.36 -37.98
CA CYS A 180 30.31 -13.90 -36.91
C CYS A 180 30.81 -15.07 -36.08
N MET A 181 32.04 -14.94 -35.56
CA MET A 181 32.64 -15.98 -34.75
C MET A 181 33.49 -15.35 -33.65
N THR A 182 33.86 -16.16 -32.68
CA THR A 182 34.75 -15.71 -31.62
C THR A 182 36.08 -16.43 -31.74
N PRO A 183 37.19 -15.73 -31.93
CA PRO A 183 38.50 -16.40 -31.91
C PRO A 183 38.74 -17.02 -30.55
N LEU A 184 39.06 -18.31 -30.55
CA LEU A 184 39.27 -19.06 -29.33
C LEU A 184 40.74 -19.49 -29.22
N SER A 185 41.20 -19.60 -27.98
CA SER A 185 42.53 -20.11 -27.69
C SER A 185 42.41 -21.20 -26.63
N ASP A 186 43.41 -22.09 -26.60
CA ASP A 186 43.35 -23.23 -25.70
C ASP A 186 43.67 -22.84 -24.26
N ASP A 187 44.29 -21.69 -24.04
CA ASP A 187 44.59 -21.19 -22.71
C ASP A 187 43.55 -20.19 -22.21
N HIS A 188 42.34 -20.21 -22.77
CA HIS A 188 41.40 -19.13 -22.52
C HIS A 188 41.04 -19.03 -21.04
N ASP A 189 40.81 -20.18 -20.40
CA ASP A 189 40.44 -20.17 -18.98
C ASP A 189 41.55 -19.58 -18.12
N GLU A 190 42.82 -19.93 -18.40
CA GLU A 190 43.94 -19.40 -17.63
C GLU A 190 44.04 -17.88 -17.76
N LYS A 191 43.80 -17.35 -18.96
CA LYS A 191 43.96 -15.93 -19.22
C LYS A 191 42.70 -15.15 -18.86
N TYR A 192 41.53 -15.68 -19.18
CA TYR A 192 40.29 -14.89 -19.17
C TYR A 192 39.15 -15.55 -18.40
N GLY A 193 39.43 -16.60 -17.61
CA GLY A 193 38.37 -17.32 -16.94
C GLY A 193 37.68 -16.51 -15.85
N VAL A 194 36.46 -16.94 -15.52
CA VAL A 194 35.69 -16.35 -14.43
C VAL A 194 36.34 -16.79 -13.12
N PRO A 195 36.81 -15.86 -12.28
CA PRO A 195 37.51 -16.27 -11.07
C PRO A 195 36.54 -16.78 -10.01
N SER A 196 37.07 -17.58 -9.10
CA SER A 196 36.32 -17.96 -7.91
C SER A 196 36.44 -16.86 -6.85
N LEU A 197 35.59 -16.96 -5.83
CA LEU A 197 35.65 -16.01 -4.73
C LEU A 197 37.03 -16.02 -4.07
N GLU A 198 37.59 -17.20 -3.83
CA GLU A 198 38.92 -17.28 -3.24
C GLU A 198 39.97 -16.63 -4.14
N GLU A 199 39.85 -16.84 -5.45
CA GLU A 199 40.80 -16.25 -6.39
C GLU A 199 40.80 -14.73 -6.29
N LEU A 200 39.66 -14.14 -5.90
CA LEU A 200 39.60 -12.72 -5.61
C LEU A 200 40.08 -12.39 -4.20
N GLY A 201 40.36 -13.40 -3.38
CA GLY A 201 40.83 -13.17 -2.02
C GLY A 201 39.77 -13.17 -0.95
N PHE A 202 38.52 -13.49 -1.28
CA PHE A 202 37.45 -13.50 -0.30
C PHE A 202 37.53 -14.72 0.60
N ASP A 203 37.05 -14.56 1.83
CA ASP A 203 36.96 -15.66 2.79
C ASP A 203 35.59 -16.31 2.66
N THR A 204 35.57 -17.60 2.30
CA THR A 204 34.34 -18.34 2.03
C THR A 204 34.13 -19.51 2.98
N ASP A 205 34.88 -19.57 4.08
CA ASP A 205 34.80 -20.73 4.97
C ASP A 205 33.39 -20.90 5.53
N GLY A 206 32.81 -19.81 6.04
CA GLY A 206 31.45 -19.90 6.55
C GLY A 206 30.39 -20.15 5.49
N LEU A 207 30.68 -19.87 4.22
CA LEU A 207 29.65 -19.79 3.19
C LEU A 207 28.82 -21.06 3.09
N SER A 208 27.53 -20.88 2.85
CA SER A 208 26.57 -21.92 2.51
C SER A 208 26.19 -21.78 1.04
N SER A 209 25.47 -22.79 0.53
CA SER A 209 24.97 -22.70 -0.83
C SER A 209 24.04 -21.50 -0.96
N ALA A 210 24.14 -20.79 -2.08
CA ALA A 210 23.48 -19.50 -2.22
C ALA A 210 21.96 -19.66 -2.21
N VAL A 211 21.29 -18.81 -1.42
CA VAL A 211 19.84 -18.73 -1.47
C VAL A 211 19.39 -18.13 -2.80
N TRP A 212 20.19 -17.24 -3.38
CA TRP A 212 19.88 -16.55 -4.62
C TRP A 212 20.99 -16.86 -5.63
N PRO A 213 20.90 -17.99 -6.34
CA PRO A 213 21.93 -18.31 -7.33
C PRO A 213 21.82 -17.38 -8.53
N GLY A 214 22.97 -16.84 -8.95
CA GLY A 214 22.96 -15.83 -9.99
C GLY A 214 22.76 -16.40 -11.39
N GLY A 215 22.38 -15.51 -12.31
CA GLY A 215 22.39 -15.90 -13.71
C GLY A 215 21.09 -15.78 -14.49
N GLU A 216 21.24 -15.68 -15.81
CA GLU A 216 20.09 -15.62 -16.71
C GLU A 216 19.30 -16.93 -16.71
N THR A 217 19.98 -18.08 -16.61
CA THR A 217 19.27 -19.36 -16.58
C THR A 217 18.37 -19.45 -15.36
N GLU A 218 18.91 -19.15 -14.18
CA GLU A 218 18.09 -19.10 -12.97
C GLU A 218 16.97 -18.10 -13.10
N ALA A 219 17.27 -16.90 -13.62
CA ALA A 219 16.27 -15.86 -13.76
C ALA A 219 15.10 -16.32 -14.62
N LEU A 220 15.40 -16.90 -15.79
CA LEU A 220 14.35 -17.33 -16.72
C LEU A 220 13.58 -18.54 -16.18
N THR A 221 14.26 -19.44 -15.47
CA THR A 221 13.54 -20.50 -14.77
C THR A 221 12.59 -19.93 -13.73
N ARG A 222 13.05 -18.91 -12.98
CA ARG A 222 12.22 -18.32 -11.94
C ARG A 222 11.05 -17.55 -12.54
N LEU A 223 11.24 -16.95 -13.71
CA LEU A 223 10.15 -16.21 -14.34
C LEU A 223 9.01 -17.14 -14.72
N GLU A 224 9.34 -18.26 -15.36
CA GLU A 224 8.30 -19.22 -15.74
C GLU A 224 7.52 -19.70 -14.51
N ARG A 225 8.22 -20.06 -13.45
CA ARG A 225 7.54 -20.52 -12.24
C ARG A 225 6.74 -19.40 -11.59
N HIS A 226 7.27 -18.17 -11.63
CA HIS A 226 6.53 -17.03 -11.09
C HIS A 226 5.25 -16.79 -11.87
N LEU A 227 5.33 -16.82 -13.21
CA LEU A 227 4.15 -16.60 -14.03
C LEU A 227 3.10 -17.68 -13.81
N GLU A 228 3.54 -18.95 -13.68
CA GLU A 228 2.61 -20.02 -13.38
C GLU A 228 1.94 -19.80 -12.02
N ARG A 229 2.72 -19.43 -11.01
CA ARG A 229 2.14 -19.20 -9.69
C ARG A 229 1.17 -18.03 -9.71
N LYS A 230 1.50 -16.96 -10.45
CA LYS A 230 0.62 -15.80 -10.50
C LYS A 230 -0.70 -16.12 -11.18
N ALA A 231 -0.73 -17.14 -12.04
CA ALA A 231 -1.95 -17.53 -12.73
C ALA A 231 -3.00 -17.99 -11.74
N MET A 241 2.74 -7.92 4.26
CA MET A 241 3.54 -9.14 4.35
C MET A 241 2.91 -10.16 5.29
N ASN A 242 3.52 -11.33 5.38
CA ASN A 242 3.13 -12.36 6.34
C ASN A 242 4.40 -13.08 6.79
N ALA A 243 4.24 -14.02 7.72
CA ALA A 243 5.41 -14.71 8.27
C ALA A 243 6.19 -15.46 7.19
N ASN A 244 5.48 -16.19 6.32
CA ASN A 244 6.16 -16.93 5.27
C ASN A 244 6.84 -16.01 4.27
N SER A 245 6.21 -14.86 3.96
CA SER A 245 6.78 -13.98 2.96
C SER A 245 8.07 -13.31 3.41
N LEU A 246 8.40 -13.36 4.71
CA LEU A 246 9.70 -12.87 5.16
C LEU A 246 10.84 -13.69 4.59
N LEU A 247 10.58 -14.97 4.28
CA LEU A 247 11.62 -15.85 3.78
C LEU A 247 11.79 -15.66 2.28
N ALA A 248 13.03 -15.83 1.82
CA ALA A 248 13.32 -15.71 0.40
C ALA A 248 12.42 -16.65 -0.40
N SER A 249 11.89 -16.14 -1.49
CA SER A 249 10.94 -16.84 -2.34
C SER A 249 11.67 -17.50 -3.51
N PRO A 250 11.33 -18.75 -3.82
CA PRO A 250 11.95 -19.40 -4.99
C PRO A 250 11.55 -18.76 -6.31
N THR A 251 10.49 -17.94 -6.34
CA THR A 251 10.08 -17.24 -7.55
C THR A 251 10.40 -15.75 -7.49
N GLY A 252 11.28 -15.35 -6.58
CA GLY A 252 11.65 -13.93 -6.48
C GLY A 252 12.56 -13.50 -7.61
N LEU A 253 12.36 -12.28 -8.09
CA LEU A 253 13.05 -11.84 -9.30
C LEU A 253 13.90 -10.57 -9.16
N SER A 254 13.81 -9.84 -8.04
CA SER A 254 14.44 -8.52 -7.98
C SER A 254 15.97 -8.55 -8.12
N PRO A 255 16.72 -9.48 -7.53
CA PRO A 255 18.18 -9.48 -7.81
C PRO A 255 18.48 -9.69 -9.27
N TYR A 256 17.70 -10.54 -9.94
CA TYR A 256 17.91 -10.76 -11.36
C TYR A 256 17.62 -9.51 -12.19
N LEU A 257 16.68 -8.68 -11.74
CA LEU A 257 16.45 -7.42 -12.46
C LEU A 257 17.62 -6.46 -12.25
N ARG A 258 18.14 -6.39 -11.02
CA ARG A 258 19.21 -5.43 -10.71
C ARG A 258 20.47 -5.74 -11.49
N PHE A 259 20.79 -7.02 -11.65
CA PHE A 259 22.00 -7.43 -12.36
C PHE A 259 21.81 -7.51 -13.87
N GLY A 260 20.58 -7.43 -14.35
CA GLY A 260 20.32 -7.60 -15.76
C GLY A 260 20.17 -9.04 -16.22
N CYS A 261 20.19 -10.02 -15.30
CA CYS A 261 19.94 -11.41 -15.70
C CYS A 261 18.55 -11.58 -16.30
N LEU A 262 17.61 -10.73 -15.93
CA LEU A 262 16.26 -10.78 -16.47
C LEU A 262 15.93 -9.39 -16.99
N SER A 263 15.59 -9.32 -18.29
CA SER A 263 15.15 -8.07 -18.90
C SER A 263 13.86 -7.55 -18.27
N CYS A 264 13.84 -6.27 -17.91
CA CYS A 264 12.61 -5.65 -17.47
C CYS A 264 11.58 -5.61 -18.61
N ARG A 265 12.04 -5.45 -19.86
CA ARG A 265 11.10 -5.41 -20.98
C ARG A 265 10.48 -6.77 -21.23
N LEU A 266 11.25 -7.85 -21.07
CA LEU A 266 10.69 -9.19 -21.22
C LEU A 266 9.68 -9.49 -20.11
N PHE A 267 10.03 -9.14 -18.87
CA PHE A 267 9.10 -9.28 -17.76
C PHE A 267 7.80 -8.53 -18.04
N TYR A 268 7.91 -7.25 -18.40
CA TYR A 268 6.74 -6.45 -18.76
C TYR A 268 5.88 -7.18 -19.79
N PHE A 269 6.51 -7.68 -20.86
CA PHE A 269 5.75 -8.33 -21.93
C PHE A 269 5.10 -9.61 -21.47
N LYS A 270 5.79 -10.39 -20.63
CA LYS A 270 5.18 -11.60 -20.08
C LYS A 270 3.98 -11.27 -19.19
N LEU A 271 4.11 -10.22 -18.37
CA LEU A 271 3.01 -9.82 -17.49
C LEU A 271 1.77 -9.45 -18.30
N THR A 272 1.96 -8.66 -19.37
CA THR A 272 0.83 -8.34 -20.24
C THR A 272 0.20 -9.60 -20.81
N ASP A 273 1.03 -10.52 -21.31
CA ASP A 273 0.52 -11.77 -21.87
C ASP A 273 -0.31 -12.53 -20.85
N LEU A 274 0.21 -12.67 -19.63
CA LEU A 274 -0.52 -13.37 -18.58
C LEU A 274 -1.86 -12.70 -18.28
N TYR A 275 -1.89 -11.36 -18.27
CA TYR A 275 -3.11 -10.63 -17.97
C TYR A 275 -4.18 -10.88 -19.02
N LYS A 276 -3.79 -10.90 -20.31
CA LYS A 276 -4.78 -11.10 -21.35
C LYS A 276 -5.24 -12.55 -21.43
N LYS A 277 -4.38 -13.49 -21.07
CA LYS A 277 -4.80 -14.88 -20.98
C LYS A 277 -5.83 -15.06 -19.86
N VAL A 278 -5.61 -14.44 -18.72
CA VAL A 278 -6.56 -14.49 -17.62
C VAL A 278 -7.51 -13.31 -17.71
N SER A 283 -6.55 -4.08 -21.54
CA SER A 283 -6.21 -2.80 -20.94
C SER A 283 -5.85 -2.95 -19.46
N PRO A 284 -4.63 -3.43 -19.17
CA PRO A 284 -4.27 -3.68 -17.78
C PRO A 284 -3.99 -2.37 -17.04
N PRO A 285 -4.22 -2.34 -15.74
CA PRO A 285 -3.80 -1.17 -14.95
C PRO A 285 -2.29 -1.18 -14.73
N LEU A 286 -1.75 0.01 -14.44
CA LEU A 286 -0.31 0.13 -14.28
C LEU A 286 0.20 -0.65 -13.08
N SER A 287 -0.64 -0.84 -12.05
CA SER A 287 -0.23 -1.60 -10.87
C SER A 287 0.23 -3.01 -11.24
N LEU A 288 -0.24 -3.54 -12.38
CA LEU A 288 0.30 -4.78 -12.89
C LEU A 288 1.82 -4.68 -13.06
N TYR A 289 2.29 -3.53 -13.54
CA TYR A 289 3.71 -3.29 -13.76
C TYR A 289 4.37 -2.51 -12.63
N GLY A 290 3.72 -2.48 -11.46
CA GLY A 290 4.20 -1.64 -10.36
C GLY A 290 5.63 -1.94 -9.94
N GLN A 291 6.02 -3.22 -9.93
CA GLN A 291 7.39 -3.54 -9.55
C GLN A 291 8.39 -2.88 -10.49
N LEU A 292 8.13 -2.95 -11.80
CA LEU A 292 9.05 -2.35 -12.76
C LEU A 292 8.94 -0.84 -12.77
N LEU A 293 7.72 -0.31 -12.64
CA LEU A 293 7.53 1.14 -12.70
C LEU A 293 8.18 1.84 -11.50
N TRP A 294 8.07 1.26 -10.30
CA TRP A 294 8.75 1.86 -9.15
C TRP A 294 10.26 1.92 -9.36
N ARG A 295 10.82 0.89 -10.02
CA ARG A 295 12.25 0.92 -10.33
C ARG A 295 12.58 2.03 -11.32
N GLU A 296 11.77 2.17 -12.36
CA GLU A 296 11.98 3.25 -13.32
C GLU A 296 11.90 4.62 -12.65
N PHE A 297 11.00 4.78 -11.68
CA PHE A 297 10.85 6.07 -11.00
C PHE A 297 12.16 6.53 -10.38
N PHE A 298 12.77 5.68 -9.56
CA PHE A 298 14.01 6.07 -8.88
C PHE A 298 15.15 6.26 -9.87
N TYR A 299 15.25 5.40 -10.88
CA TYR A 299 16.22 5.60 -11.95
C TYR A 299 16.01 6.94 -12.64
N THR A 300 14.76 7.32 -12.88
CA THR A 300 14.47 8.61 -13.49
C THR A 300 14.87 9.76 -12.55
N ALA A 301 14.58 9.62 -11.25
CA ALA A 301 14.96 10.68 -10.31
C ALA A 301 16.47 10.86 -10.27
N ALA A 302 17.23 9.77 -10.40
CA ALA A 302 18.67 9.84 -10.15
C ALA A 302 19.48 10.31 -11.35
N THR A 303 18.98 10.12 -12.58
CA THR A 303 19.90 10.08 -13.72
C THR A 303 20.62 11.40 -13.94
N ASN A 304 19.98 12.53 -13.65
CA ASN A 304 20.59 13.84 -13.84
C ASN A 304 21.08 14.46 -12.54
N ASN A 305 21.23 13.68 -11.47
CA ASN A 305 21.66 14.20 -10.17
C ASN A 305 22.94 13.51 -9.72
N PRO A 306 24.12 14.10 -9.96
CA PRO A 306 25.37 13.45 -9.55
C PRO A 306 25.56 13.36 -8.05
N ARG A 307 24.82 14.15 -7.26
CA ARG A 307 24.87 14.10 -5.80
C ARG A 307 23.67 13.35 -5.22
N PHE A 308 23.00 12.52 -6.04
CA PHE A 308 21.80 11.81 -5.60
C PHE A 308 22.05 10.97 -4.35
N ASP A 309 23.27 10.45 -4.17
CA ASP A 309 23.59 9.60 -3.03
C ASP A 309 24.15 10.37 -1.83
N LYS A 310 24.00 11.68 -1.80
CA LYS A 310 24.52 12.49 -0.70
C LYS A 310 23.40 13.36 -0.15
N MET A 311 23.62 13.88 1.06
CA MET A 311 22.72 14.89 1.61
C MET A 311 23.17 16.29 1.18
N GLU A 312 24.37 16.69 1.59
CA GLU A 312 24.84 18.04 1.29
C GLU A 312 25.15 18.19 -0.19
N GLY A 313 24.79 19.35 -0.75
CA GLY A 313 24.96 19.55 -2.18
C GLY A 313 23.98 18.82 -3.06
N ASN A 314 23.00 18.12 -2.47
CA ASN A 314 21.97 17.45 -3.25
C ASN A 314 20.72 18.32 -3.27
N PRO A 315 20.30 18.81 -4.44
CA PRO A 315 19.20 19.80 -4.46
C PRO A 315 17.85 19.25 -4.04
N ILE A 316 17.62 17.93 -4.09
CA ILE A 316 16.31 17.40 -3.72
C ILE A 316 16.26 16.91 -2.28
N CYS A 317 17.37 16.96 -1.56
CA CYS A 317 17.45 16.35 -0.24
C CYS A 317 17.36 17.41 0.85
N VAL A 318 16.44 17.20 1.79
CA VAL A 318 16.34 18.05 2.98
C VAL A 318 17.59 17.88 3.84
N GLN A 319 18.15 19.01 4.29
CA GLN A 319 19.33 18.99 5.15
C GLN A 319 18.93 18.73 6.60
N ILE A 320 19.39 17.61 7.15
CA ILE A 320 19.05 17.23 8.53
C ILE A 320 20.34 16.98 9.31
N PRO A 321 20.49 17.56 10.52
CA PRO A 321 21.72 17.31 11.31
C PRO A 321 21.73 15.94 11.97
N TRP A 322 22.07 14.92 11.18
CA TRP A 322 22.12 13.57 11.69
C TRP A 322 23.22 13.43 12.74
N ASP A 323 22.99 12.54 13.70
CA ASP A 323 24.00 12.20 14.68
C ASP A 323 25.13 11.41 14.04
N LYS A 324 26.33 11.57 14.59
CA LYS A 324 27.48 10.76 14.21
C LYS A 324 27.79 9.81 15.36
N ASN A 325 27.66 8.51 15.11
CA ASN A 325 27.82 7.51 16.16
C ASN A 325 28.26 6.21 15.50
N PRO A 326 29.57 6.02 15.31
CA PRO A 326 30.05 4.79 14.67
C PRO A 326 29.68 3.51 15.42
N GLU A 327 29.69 3.54 16.76
CA GLU A 327 29.39 2.32 17.52
C GLU A 327 27.92 1.92 17.35
N ALA A 328 27.02 2.89 17.44
CA ALA A 328 25.62 2.59 17.19
C ALA A 328 25.39 2.15 15.75
N LEU A 329 26.10 2.76 14.81
CA LEU A 329 25.96 2.33 13.42
C LEU A 329 26.43 0.89 13.23
N ALA A 330 27.56 0.52 13.85
CA ALA A 330 28.07 -0.84 13.72
C ALA A 330 27.12 -1.86 14.32
N LYS A 331 26.49 -1.52 15.46
CA LYS A 331 25.51 -2.43 16.07
C LYS A 331 24.36 -2.70 15.12
N TRP A 332 23.85 -1.66 14.44
CA TRP A 332 22.78 -1.83 13.47
C TRP A 332 23.25 -2.67 12.30
N ALA A 333 24.41 -2.33 11.74
CA ALA A 333 24.90 -3.02 10.55
C ALA A 333 25.13 -4.50 10.81
N GLU A 334 25.55 -4.85 12.02
CA GLU A 334 25.93 -6.22 12.36
C GLU A 334 24.83 -6.98 13.07
N GLY A 335 23.64 -6.41 13.21
CA GLY A 335 22.54 -7.08 13.88
C GLY A 335 22.81 -7.38 15.35
N ARG A 336 23.38 -6.43 16.07
CA ARG A 336 23.58 -6.53 17.52
C ARG A 336 22.90 -5.38 18.27
N THR A 337 21.71 -4.95 17.79
CA THR A 337 20.98 -3.88 18.46
C THR A 337 20.31 -4.34 19.74
N GLY A 338 20.18 -5.65 19.93
CA GLY A 338 19.42 -6.16 21.04
C GLY A 338 17.92 -6.15 20.82
N PHE A 339 17.45 -5.67 19.67
CA PHE A 339 16.06 -5.87 19.27
C PHE A 339 16.03 -7.05 18.30
N PRO A 340 15.44 -8.19 18.69
CA PRO A 340 15.53 -9.39 17.84
C PRO A 340 14.93 -9.21 16.45
N TRP A 341 13.81 -8.49 16.36
CA TRP A 341 13.21 -8.22 15.05
C TRP A 341 14.21 -7.53 14.13
N ILE A 342 14.82 -6.45 14.61
CA ILE A 342 15.81 -5.71 13.82
C ILE A 342 17.01 -6.59 13.52
N ASP A 343 17.55 -7.27 14.55
CA ASP A 343 18.77 -8.06 14.38
C ASP A 343 18.55 -9.25 13.45
N ALA A 344 17.38 -9.90 13.54
CA ALA A 344 17.07 -11.00 12.62
C ALA A 344 17.05 -10.52 11.17
N ILE A 345 16.41 -9.38 10.92
CA ILE A 345 16.37 -8.83 9.56
C ILE A 345 17.79 -8.59 9.05
N MET A 346 18.60 -7.87 9.84
CA MET A 346 19.94 -7.53 9.41
C MET A 346 20.83 -8.78 9.28
N THR A 347 20.50 -9.82 10.04
CA THR A 347 21.21 -11.09 9.91
C THR A 347 20.81 -11.80 8.63
N GLN A 348 19.51 -11.84 8.32
CA GLN A 348 19.07 -12.42 7.05
C GLN A 348 19.69 -11.68 5.87
N LEU A 349 19.75 -10.34 5.95
CA LEU A 349 20.37 -9.55 4.88
C LEU A 349 21.83 -9.92 4.71
N ARG A 350 22.59 -9.95 5.80
CA ARG A 350 24.01 -10.29 5.72
C ARG A 350 24.21 -11.71 5.19
N GLN A 351 23.39 -12.66 5.64
CA GLN A 351 23.62 -14.05 5.26
C GLN A 351 23.19 -14.34 3.83
N GLU A 352 22.10 -13.72 3.36
CA GLU A 352 21.50 -14.12 2.09
C GLU A 352 21.50 -13.03 1.03
N GLY A 353 21.48 -11.76 1.41
CA GLY A 353 21.48 -10.66 0.46
C GLY A 353 20.11 -10.15 0.08
N TRP A 354 19.04 -10.68 0.68
CA TRP A 354 17.71 -10.21 0.40
C TRP A 354 16.90 -10.20 1.68
N ILE A 355 16.12 -9.14 1.88
CA ILE A 355 15.11 -9.06 2.92
C ILE A 355 13.84 -8.46 2.32
N HIS A 356 12.72 -8.70 3.00
CA HIS A 356 11.43 -8.26 2.51
C HIS A 356 11.32 -6.74 2.47
N HIS A 357 10.62 -6.25 1.45
CA HIS A 357 10.32 -4.83 1.29
C HIS A 357 9.93 -4.16 2.62
N LEU A 358 9.03 -4.77 3.37
CA LEU A 358 8.58 -4.16 4.61
C LEU A 358 9.63 -4.28 5.71
N ALA A 359 10.46 -5.33 5.65
CA ALA A 359 11.60 -5.43 6.57
C ALA A 359 12.58 -4.30 6.32
N ARG A 360 12.75 -3.90 5.06
CA ARG A 360 13.64 -2.77 4.77
C ARG A 360 13.11 -1.49 5.39
N HIS A 361 11.79 -1.26 5.34
CA HIS A 361 11.20 -0.14 6.07
C HIS A 361 11.59 -0.17 7.55
N ALA A 362 11.43 -1.34 8.19
CA ALA A 362 11.67 -1.44 9.63
C ALA A 362 13.09 -1.05 10.01
N VAL A 363 14.10 -1.63 9.33
CA VAL A 363 15.48 -1.35 9.73
C VAL A 363 15.92 0.05 9.31
N ALA A 364 15.37 0.58 8.21
CA ALA A 364 15.72 1.93 7.79
C ALA A 364 15.19 2.98 8.75
N CYS A 365 13.94 2.80 9.21
CA CYS A 365 13.36 3.70 10.20
C CYS A 365 14.15 3.66 11.51
N PHE A 366 14.47 2.45 11.98
CA PHE A 366 15.29 2.30 13.18
C PHE A 366 16.60 3.09 13.08
N LEU A 367 17.28 2.99 11.93
CA LEU A 367 18.58 3.64 11.80
C LEU A 367 18.46 5.16 11.72
N THR A 368 17.46 5.65 10.99
CA THR A 368 17.39 7.08 10.71
C THR A 368 16.39 7.79 11.60
N ARG A 369 15.22 8.12 11.05
CA ARG A 369 14.29 9.01 11.74
C ARG A 369 13.68 8.39 12.99
N GLY A 370 13.71 7.06 13.11
CA GLY A 370 13.04 6.41 14.22
C GLY A 370 13.82 6.37 15.52
N ASP A 371 14.97 5.68 15.54
CA ASP A 371 15.65 5.38 16.79
C ASP A 371 17.05 5.96 16.89
N LEU A 372 17.93 5.69 15.92
CA LEU A 372 19.33 6.04 16.08
C LEU A 372 19.68 7.42 15.56
N TRP A 373 18.81 8.04 14.75
CA TRP A 373 19.08 9.36 14.17
C TRP A 373 20.42 9.40 13.44
N ILE A 374 20.75 8.29 12.77
CA ILE A 374 21.98 8.19 12.00
C ILE A 374 21.65 8.48 10.55
N SER A 375 22.60 9.09 9.83
CA SER A 375 22.37 9.54 8.45
C SER A 375 21.94 8.39 7.54
N TRP A 376 20.94 8.67 6.69
CA TRP A 376 20.52 7.70 5.67
C TRP A 376 21.66 7.33 4.75
N GLU A 377 22.66 8.20 4.60
CA GLU A 377 23.83 7.86 3.79
C GLU A 377 24.57 6.64 4.35
N GLU A 378 24.63 6.52 5.67
CA GLU A 378 25.29 5.36 6.27
C GLU A 378 24.50 4.08 6.01
N GLY A 379 23.17 4.14 6.12
CA GLY A 379 22.36 2.99 5.77
C GLY A 379 22.53 2.59 4.32
N MET A 380 22.56 3.57 3.43
CA MET A 380 22.76 3.26 2.01
C MET A 380 24.07 2.52 1.77
N LYS A 381 25.16 2.96 2.41
CA LYS A 381 26.43 2.28 2.26
C LYS A 381 26.35 0.81 2.70
N VAL A 382 25.65 0.55 3.80
CA VAL A 382 25.55 -0.82 4.29
C VAL A 382 24.74 -1.69 3.33
N PHE A 383 23.59 -1.17 2.86
CA PHE A 383 22.79 -1.90 1.89
C PHE A 383 23.54 -2.09 0.58
N GLU A 384 24.35 -1.10 0.20
CA GLU A 384 25.12 -1.23 -1.04
C GLU A 384 26.06 -2.43 -0.96
N GLU A 385 26.65 -2.66 0.22
CA GLU A 385 27.51 -3.83 0.38
C GLU A 385 26.69 -5.12 0.38
N LEU A 386 25.50 -5.11 1.01
CA LEU A 386 24.82 -6.34 1.38
C LEU A 386 23.59 -6.69 0.52
N LEU A 387 22.92 -5.73 -0.09
CA LEU A 387 21.59 -5.96 -0.69
C LEU A 387 21.73 -6.26 -2.17
N LEU A 388 21.31 -7.47 -2.57
CA LEU A 388 21.51 -7.93 -3.95
C LEU A 388 20.70 -7.12 -4.95
N ASP A 389 19.49 -6.67 -4.59
CA ASP A 389 18.63 -6.00 -5.55
C ASP A 389 18.68 -4.48 -5.43
N ALA A 390 19.70 -3.93 -4.79
CA ALA A 390 19.71 -2.50 -4.45
C ALA A 390 20.60 -1.75 -5.44
N ASP A 391 20.03 -1.43 -6.60
CA ASP A 391 20.69 -0.54 -7.54
C ASP A 391 21.04 0.78 -6.86
N TRP A 392 22.11 1.43 -7.34
CA TRP A 392 22.55 2.71 -6.78
C TRP A 392 21.41 3.72 -6.73
N SER A 393 20.67 3.86 -7.83
CA SER A 393 19.58 4.82 -7.90
C SER A 393 18.47 4.45 -6.92
N ILE A 394 18.09 3.17 -6.86
CA ILE A 394 17.00 2.77 -5.99
C ILE A 394 17.42 2.84 -4.52
N ASN A 395 18.63 2.39 -4.21
CA ASN A 395 19.16 2.46 -2.86
C ASN A 395 19.15 3.90 -2.34
N ALA A 396 19.77 4.83 -3.07
CA ALA A 396 19.82 6.21 -2.62
C ALA A 396 18.42 6.81 -2.53
N GLY A 397 17.62 6.65 -3.58
CA GLY A 397 16.26 7.16 -3.55
C GLY A 397 15.44 6.60 -2.41
N SER A 398 15.60 5.30 -2.13
CA SER A 398 14.83 4.67 -1.07
C SER A 398 15.22 5.22 0.29
N TRP A 399 16.53 5.34 0.56
CA TRP A 399 16.96 5.81 1.87
C TRP A 399 16.55 7.25 2.10
N MET A 400 16.51 8.08 1.05
CA MET A 400 15.95 9.41 1.21
C MET A 400 14.46 9.34 1.49
N TRP A 401 13.74 8.50 0.75
CA TRP A 401 12.30 8.34 0.92
C TRP A 401 11.96 7.96 2.35
N LEU A 402 12.61 6.91 2.88
CA LEU A 402 12.25 6.37 4.19
C LEU A 402 12.84 7.16 5.36
N SER A 403 13.80 8.05 5.12
CA SER A 403 14.28 8.94 6.17
C SER A 403 13.60 10.31 6.13
N CYS A 404 12.56 10.48 5.29
CA CYS A 404 11.87 11.76 5.15
C CYS A 404 12.80 12.87 4.69
N SER A 405 13.74 12.54 3.82
CA SER A 405 14.71 13.52 3.32
C SER A 405 14.37 14.03 1.92
N SER A 406 13.44 13.40 1.22
CA SER A 406 13.06 13.82 -0.12
C SER A 406 11.72 13.20 -0.47
N PHE A 407 11.26 13.47 -1.69
CA PHE A 407 10.04 12.90 -2.26
C PHE A 407 8.79 13.31 -1.47
N PHE A 408 8.81 14.51 -0.90
CA PHE A 408 7.65 15.09 -0.21
C PHE A 408 7.14 14.14 0.87
N GLN A 409 8.07 13.48 1.55
CA GLN A 409 7.74 12.44 2.50
C GLN A 409 7.84 12.98 3.92
N GLN A 410 6.78 12.82 4.70
CA GLN A 410 6.74 13.26 6.10
C GLN A 410 5.95 12.22 6.89
N PHE A 411 6.63 11.53 7.81
CA PHE A 411 5.99 10.44 8.54
C PHE A 411 5.77 10.79 10.01
N CYS A 414 6.21 6.08 13.01
CA CYS A 414 7.38 5.41 13.58
C CYS A 414 7.13 3.92 13.87
N TYR A 415 7.84 3.04 13.16
CA TYR A 415 7.68 1.60 13.37
C TYR A 415 8.18 1.18 14.74
N CYS A 416 7.51 0.17 15.32
CA CYS A 416 8.00 -0.26 16.63
C CYS A 416 8.87 -1.50 16.49
N PRO A 417 10.11 -1.47 17.01
CA PRO A 417 11.04 -2.60 16.79
C PRO A 417 10.69 -3.85 17.58
N VAL A 418 9.67 -3.84 18.40
CA VAL A 418 9.11 -5.03 19.02
C VAL A 418 7.77 -5.40 18.40
N GLY A 419 6.83 -4.46 18.37
CA GLY A 419 5.49 -4.75 17.90
C GLY A 419 5.43 -5.14 16.44
N PHE A 420 6.25 -4.50 15.59
CA PHE A 420 6.20 -4.79 14.16
C PHE A 420 6.47 -6.26 13.88
N GLY A 421 7.55 -6.81 14.44
CA GLY A 421 7.80 -8.23 14.27
C GLY A 421 6.72 -9.11 14.88
N ARG A 422 6.32 -8.80 16.12
CA ARG A 422 5.34 -9.62 16.82
C ARG A 422 4.05 -9.76 16.03
N ARG A 423 3.58 -8.66 15.44
CA ARG A 423 2.34 -8.70 14.65
C ARG A 423 2.54 -9.52 13.37
N THR A 424 3.72 -9.44 12.76
CA THR A 424 3.97 -10.09 11.48
C THR A 424 4.21 -11.59 11.63
N ASP A 425 4.99 -12.00 12.64
CA ASP A 425 5.26 -13.41 12.90
C ASP A 425 5.09 -13.66 14.38
N PRO A 426 3.85 -13.86 14.84
CA PRO A 426 3.60 -13.98 16.29
C PRO A 426 4.37 -15.10 16.96
N ASN A 427 4.47 -16.27 16.33
CA ASN A 427 5.18 -17.40 16.93
C ASN A 427 6.69 -17.18 17.01
N GLY A 428 7.22 -16.21 16.25
CA GLY A 428 8.63 -15.88 16.35
C GLY A 428 9.57 -16.81 15.61
N ASP A 429 9.06 -17.61 14.67
CA ASP A 429 9.92 -18.55 13.96
C ASP A 429 10.91 -17.83 13.04
N TYR A 430 10.58 -16.63 12.56
CA TYR A 430 11.57 -15.84 11.86
C TYR A 430 12.77 -15.53 12.77
N ILE A 431 12.49 -15.15 14.03
CA ILE A 431 13.58 -14.88 14.98
C ILE A 431 14.42 -16.13 15.19
N ARG A 432 13.76 -17.26 15.47
CA ARG A 432 14.50 -18.48 15.79
C ARG A 432 15.33 -18.95 14.61
N ARG A 433 14.88 -18.67 13.38
CA ARG A 433 15.65 -19.06 12.21
C ARG A 433 16.95 -18.27 12.10
N TYR A 434 16.93 -16.97 12.35
CA TYR A 434 18.11 -16.16 12.11
C TYR A 434 18.90 -15.80 13.36
N LEU A 435 18.34 -15.96 14.56
CA LEU A 435 19.06 -15.72 15.81
C LEU A 435 18.90 -16.97 16.66
N PRO A 436 19.63 -18.04 16.33
CA PRO A 436 19.41 -19.32 17.04
C PRO A 436 19.72 -19.26 18.52
N VAL A 437 20.49 -18.29 18.99
CA VAL A 437 20.76 -18.21 20.42
C VAL A 437 19.48 -17.93 21.22
N LEU A 438 18.43 -17.43 20.57
CA LEU A 438 17.17 -17.10 21.22
C LEU A 438 16.12 -18.19 21.07
N ARG A 439 16.48 -19.34 20.48
CA ARG A 439 15.49 -20.34 20.11
C ARG A 439 14.70 -20.83 21.32
N GLY A 440 15.35 -20.94 22.49
CA GLY A 440 14.66 -21.46 23.66
C GLY A 440 13.57 -20.55 24.19
N PHE A 441 13.56 -19.27 23.80
CA PHE A 441 12.62 -18.33 24.36
C PHE A 441 11.22 -18.60 23.82
N PRO A 442 10.19 -18.52 24.66
CA PRO A 442 8.81 -18.65 24.16
C PRO A 442 8.44 -17.47 23.27
N ALA A 443 7.31 -17.63 22.57
CA ALA A 443 6.79 -16.53 21.75
C ALA A 443 6.49 -15.29 22.58
N LYS A 444 6.12 -15.47 23.85
CA LYS A 444 5.80 -14.32 24.70
C LYS A 444 6.98 -13.37 24.85
N TYR A 445 8.21 -13.88 24.82
CA TYR A 445 9.38 -13.04 25.05
C TYR A 445 10.34 -13.01 23.87
N ILE A 446 10.03 -13.68 22.76
CA ILE A 446 10.99 -13.83 21.68
C ILE A 446 11.33 -12.49 21.04
N TYR A 447 10.38 -11.55 21.03
CA TYR A 447 10.62 -10.24 20.44
C TYR A 447 11.11 -9.21 21.45
N ASP A 448 11.02 -9.50 22.75
CA ASP A 448 11.53 -8.61 23.80
C ASP A 448 12.13 -9.48 24.91
N PRO A 449 13.25 -10.16 24.62
CA PRO A 449 13.78 -11.15 25.59
C PRO A 449 14.25 -10.54 26.90
N TRP A 450 14.59 -9.26 26.92
CA TRP A 450 14.97 -8.61 28.17
C TRP A 450 13.85 -8.62 29.20
N ASN A 451 12.60 -8.79 28.76
CA ASN A 451 11.48 -8.90 29.69
C ASN A 451 11.33 -10.29 30.27
N ALA A 452 12.05 -11.28 29.74
CA ALA A 452 11.88 -12.64 30.22
C ALA A 452 12.47 -12.78 31.62
N PRO A 453 11.77 -13.48 32.52
CA PRO A 453 12.32 -13.75 33.85
C PRO A 453 13.60 -14.58 33.75
N GLU A 454 14.43 -14.45 34.79
CA GLU A 454 15.75 -15.09 34.81
C GLU A 454 15.66 -16.59 34.59
N GLY A 455 14.67 -17.24 35.21
CA GLY A 455 14.53 -18.68 35.05
C GLY A 455 14.28 -19.09 33.61
N ILE A 456 13.50 -18.30 32.89
CA ILE A 456 13.25 -18.61 31.48
C ILE A 456 14.51 -18.39 30.66
N GLN A 457 15.25 -17.31 30.96
CA GLN A 457 16.52 -17.08 30.29
C GLN A 457 17.50 -18.23 30.55
N LYS A 458 17.47 -18.78 31.77
CA LYS A 458 18.43 -19.82 32.13
C LYS A 458 18.11 -21.14 31.44
N VAL A 459 16.83 -21.53 31.36
CA VAL A 459 16.54 -22.76 30.64
C VAL A 459 16.62 -22.58 29.13
N ALA A 460 16.55 -21.34 28.64
CA ALA A 460 16.88 -21.07 27.23
C ALA A 460 18.39 -20.96 27.00
N LYS A 461 19.18 -20.93 28.08
CA LYS A 461 20.65 -20.90 28.02
C LYS A 461 21.14 -19.66 27.27
N CYS A 462 20.44 -18.55 27.47
CA CYS A 462 20.80 -17.27 26.86
C CYS A 462 20.46 -16.15 27.84
N LEU A 463 21.47 -15.62 28.54
CA LEU A 463 21.27 -14.51 29.47
C LEU A 463 21.39 -13.19 28.72
N ILE A 464 20.37 -12.35 28.84
CA ILE A 464 20.39 -11.07 28.13
C ILE A 464 21.46 -10.18 28.73
N GLY A 465 22.24 -9.55 27.85
CA GLY A 465 23.42 -8.81 28.28
C GLY A 465 24.69 -9.65 28.33
N VAL A 466 24.59 -10.96 28.10
CA VAL A 466 25.76 -11.85 28.10
C VAL A 466 25.80 -12.62 26.78
N ASN A 467 24.83 -13.52 26.56
CA ASN A 467 24.81 -14.29 25.32
C ASN A 467 24.09 -13.58 24.20
N TYR A 468 23.31 -12.54 24.51
CA TYR A 468 22.63 -11.76 23.51
C TYR A 468 22.54 -10.37 24.13
N PRO A 469 22.80 -9.30 23.37
CA PRO A 469 22.91 -7.98 23.97
C PRO A 469 21.57 -7.41 24.44
N LYS A 470 21.64 -6.55 25.44
CA LYS A 470 20.48 -5.75 25.86
C LYS A 470 20.09 -4.77 24.75
N PRO A 471 18.86 -4.25 24.77
CA PRO A 471 18.49 -3.26 23.75
C PRO A 471 19.41 -2.05 23.81
N MET A 472 19.88 -1.62 22.64
CA MET A 472 20.83 -0.51 22.58
C MET A 472 20.17 0.84 22.88
N VAL A 473 18.85 0.92 22.83
CA VAL A 473 18.17 2.19 23.03
C VAL A 473 16.81 1.89 23.65
N ASN A 474 16.30 2.86 24.41
CA ASN A 474 14.90 2.84 24.80
C ASN A 474 14.08 3.38 23.64
N HIS A 475 13.32 2.51 22.97
CA HIS A 475 12.61 2.91 21.76
C HIS A 475 11.64 4.04 22.04
N ALA A 476 10.85 3.91 23.11
CA ALA A 476 9.83 4.93 23.42
C ALA A 476 10.47 6.29 23.66
N GLU A 477 11.56 6.36 24.43
CA GLU A 477 12.23 7.64 24.62
C GLU A 477 12.84 8.13 23.32
N ALA A 478 13.56 7.26 22.62
CA ALA A 478 14.28 7.67 21.42
C ALA A 478 13.33 8.15 20.34
N SER A 479 12.29 7.37 20.04
CA SER A 479 11.38 7.73 18.96
C SER A 479 10.65 9.02 19.26
N ARG A 480 10.25 9.22 20.52
CA ARG A 480 9.56 10.45 20.89
C ARG A 480 10.43 11.66 20.63
N LEU A 481 11.69 11.63 21.07
CA LEU A 481 12.60 12.75 20.81
C LEU A 481 12.79 12.94 19.31
N ASN A 482 12.99 11.85 18.57
CA ASN A 482 13.30 11.95 17.14
C ASN A 482 12.11 12.47 16.34
N ILE A 483 10.87 12.14 16.76
CA ILE A 483 9.71 12.71 16.09
C ILE A 483 9.68 14.22 16.29
N GLU A 484 10.05 14.68 17.48
CA GLU A 484 10.13 16.12 17.71
C GLU A 484 11.18 16.77 16.83
N ARG A 485 12.34 16.13 16.70
CA ARG A 485 13.41 16.69 15.86
C ARG A 485 12.95 16.84 14.41
N MET A 486 12.31 15.80 13.87
CA MET A 486 11.87 15.85 12.49
C MET A 486 10.76 16.88 12.30
N LYS A 487 9.88 17.01 13.30
CA LYS A 487 8.82 18.02 13.23
C LYS A 487 9.42 19.43 13.17
N GLN A 488 10.46 19.67 13.96
CA GLN A 488 11.12 20.98 13.90
C GLN A 488 11.72 21.22 12.52
N ILE A 489 12.29 20.17 11.92
CA ILE A 489 12.87 20.30 10.58
C ILE A 489 11.80 20.77 9.60
N TYR A 490 10.64 20.14 9.63
CA TYR A 490 9.61 20.49 8.67
C TYR A 490 8.87 21.78 9.01
N GLN A 491 8.94 22.22 10.27
CA GLN A 491 8.47 23.57 10.58
C GLN A 491 9.43 24.62 10.04
N GLN A 492 10.74 24.39 10.17
CA GLN A 492 11.73 25.27 9.55
C GLN A 492 11.52 25.34 8.04
N LEU A 493 11.24 24.21 7.40
CA LEU A 493 11.00 24.19 5.96
C LEU A 493 9.79 25.05 5.59
N SER A 494 8.76 25.03 6.43
CA SER A 494 7.52 25.76 6.13
C SER A 494 7.45 27.06 6.94
N THR B 2 -10.98 -8.02 48.30
CA THR B 2 -11.31 -8.30 46.92
C THR B 2 -10.25 -7.74 45.98
N MET B 3 -10.39 -8.02 44.69
CA MET B 3 -9.56 -7.41 43.66
C MET B 3 -10.16 -6.12 43.12
N GLY B 4 -11.29 -5.67 43.65
CA GLY B 4 -11.89 -4.41 43.25
C GLY B 4 -12.88 -4.56 42.10
N VAL B 5 -13.48 -3.43 41.75
CA VAL B 5 -14.38 -3.35 40.61
C VAL B 5 -13.55 -2.84 39.44
N ASN B 6 -13.23 -3.73 38.51
CA ASN B 6 -12.40 -3.42 37.35
C ASN B 6 -13.25 -3.49 36.10
N ALA B 7 -13.34 -2.39 35.37
CA ALA B 7 -14.23 -2.26 34.23
C ALA B 7 -13.43 -2.24 32.94
N VAL B 8 -14.02 -2.79 31.88
CA VAL B 8 -13.51 -2.64 30.53
C VAL B 8 -14.63 -2.06 29.67
N HIS B 9 -14.31 -1.02 28.90
CA HIS B 9 -15.20 -0.52 27.87
C HIS B 9 -14.67 -0.91 26.50
N TRP B 10 -15.52 -1.54 25.71
CA TRP B 10 -15.12 -2.12 24.43
C TRP B 10 -15.53 -1.17 23.32
N PHE B 11 -14.55 -0.51 22.72
CA PHE B 11 -14.78 0.36 21.56
C PHE B 11 -14.92 -0.49 20.29
N ARG B 12 -15.95 -0.18 19.49
CA ARG B 12 -16.10 -0.74 18.14
C ARG B 12 -16.51 0.39 17.22
N LYS B 13 -17.78 0.76 17.28
CA LYS B 13 -18.21 2.08 16.83
C LYS B 13 -18.14 3.01 18.03
N GLY B 14 -18.61 4.24 17.88
CA GLY B 14 -18.61 5.17 18.99
C GLY B 14 -17.21 5.49 19.47
N LEU B 15 -16.30 5.78 18.54
CA LEU B 15 -14.90 6.04 18.87
C LEU B 15 -14.73 7.49 19.27
N ARG B 16 -15.16 7.79 20.50
CA ARG B 16 -15.27 9.18 20.95
C ARG B 16 -15.49 9.18 22.46
N LEU B 17 -15.20 10.31 23.08
CA LEU B 17 -15.43 10.49 24.50
C LEU B 17 -16.67 11.32 24.81
N HIS B 18 -17.15 12.10 23.85
CA HIS B 18 -18.40 12.81 24.05
C HIS B 18 -19.57 11.89 23.72
N ASP B 19 -20.70 12.14 24.38
CA ASP B 19 -21.95 11.37 24.21
C ASP B 19 -21.69 9.87 24.13
N ASN B 20 -21.10 9.32 25.19
CA ASN B 20 -20.77 7.90 25.26
C ASN B 20 -21.41 7.35 26.53
N PRO B 21 -22.74 7.12 26.52
CA PRO B 21 -23.42 6.68 27.75
C PRO B 21 -22.89 5.37 28.29
N ALA B 22 -22.51 4.44 27.41
CA ALA B 22 -21.98 3.15 27.86
C ALA B 22 -20.71 3.32 28.67
N LEU B 23 -19.74 4.07 28.14
CA LEU B 23 -18.50 4.32 28.88
C LEU B 23 -18.77 5.10 30.17
N LYS B 24 -19.74 6.02 30.15
CA LYS B 24 -20.06 6.79 31.35
C LYS B 24 -20.63 5.89 32.44
N GLU B 25 -21.57 5.02 32.08
CA GLU B 25 -22.15 4.09 33.05
C GLU B 25 -21.10 3.10 33.55
N CYS B 26 -20.21 2.65 32.65
CA CYS B 26 -19.16 1.72 33.06
C CYS B 26 -18.27 2.33 34.14
N ILE B 27 -17.93 3.61 34.00
CA ILE B 27 -17.06 4.28 34.96
C ILE B 27 -17.70 4.35 36.34
N GLN B 28 -19.03 4.42 36.40
CA GLN B 28 -19.74 4.52 37.66
C GLN B 28 -19.40 3.36 38.59
N GLY B 29 -18.92 3.69 39.80
CA GLY B 29 -18.63 2.70 40.82
C GLY B 29 -17.44 1.81 40.55
N ALA B 30 -16.61 2.15 39.56
CA ALA B 30 -15.48 1.30 39.18
C ALA B 30 -14.19 1.81 39.83
N ASP B 31 -13.37 0.86 40.28
CA ASP B 31 -12.04 1.20 40.79
C ASP B 31 -11.05 1.45 39.66
N THR B 32 -11.14 0.69 38.57
CA THR B 32 -10.28 0.89 37.42
C THR B 32 -11.11 0.78 36.14
N ILE B 33 -10.61 1.40 35.08
CA ILE B 33 -11.23 1.38 33.76
C ILE B 33 -10.16 1.19 32.70
N ARG B 34 -10.40 0.27 31.77
CA ARG B 34 -9.57 0.10 30.58
C ARG B 34 -10.46 0.13 29.36
N CYS B 35 -10.13 1.00 28.40
CA CYS B 35 -10.81 1.05 27.11
C CYS B 35 -10.03 0.22 26.10
N VAL B 36 -10.71 -0.72 25.45
CA VAL B 36 -10.05 -1.60 24.50
C VAL B 36 -10.72 -1.46 23.13
N TYR B 37 -9.89 -1.62 22.09
CA TYR B 37 -10.37 -1.88 20.74
C TYR B 37 -9.72 -3.17 20.25
N ILE B 38 -10.53 -4.06 19.69
CA ILE B 38 -10.09 -5.38 19.24
C ILE B 38 -10.15 -5.43 17.71
N LEU B 39 -9.00 -5.65 17.08
CA LEU B 39 -8.90 -5.87 15.64
C LEU B 39 -9.19 -7.34 15.35
N ASP B 40 -10.41 -7.63 14.87
CA ASP B 40 -10.90 -9.00 14.74
C ASP B 40 -10.76 -9.46 13.30
N PRO B 41 -9.93 -10.48 13.01
CA PRO B 41 -9.79 -11.06 11.67
C PRO B 41 -11.03 -11.85 11.25
N ASN B 48 -12.39 -7.78 3.58
CA ASN B 48 -13.02 -6.86 2.64
C ASN B 48 -12.95 -5.41 3.15
N VAL B 49 -11.78 -4.99 3.61
CA VAL B 49 -11.59 -3.64 4.12
C VAL B 49 -10.38 -3.02 3.42
N GLY B 50 -10.60 -1.87 2.76
CA GLY B 50 -9.56 -1.23 1.98
C GLY B 50 -8.62 -0.38 2.82
N ILE B 51 -7.57 0.12 2.16
CA ILE B 51 -6.54 0.83 2.90
C ILE B 51 -7.08 2.16 3.43
N ASN B 52 -7.97 2.82 2.68
CA ASN B 52 -8.53 4.08 3.17
C ASN B 52 -9.39 3.87 4.41
N ARG B 53 -10.12 2.75 4.46
CA ARG B 53 -10.91 2.49 5.66
C ARG B 53 -10.00 2.20 6.84
N TRP B 54 -8.96 1.39 6.63
CA TRP B 54 -8.05 1.03 7.70
C TRP B 54 -7.32 2.26 8.24
N ARG B 55 -6.84 3.13 7.34
CA ARG B 55 -6.15 4.34 7.79
C ARG B 55 -7.07 5.24 8.62
N PHE B 56 -8.33 5.42 8.18
CA PHE B 56 -9.28 6.21 8.96
C PHE B 56 -9.46 5.64 10.36
N LEU B 57 -9.65 4.33 10.46
CA LEU B 57 -9.83 3.70 11.77
C LEU B 57 -8.60 3.89 12.64
N LEU B 58 -7.42 3.54 12.14
CA LEU B 58 -6.19 3.73 12.89
C LEU B 58 -6.06 5.17 13.38
N GLN B 59 -6.47 6.13 12.56
CA GLN B 59 -6.43 7.53 12.97
C GLN B 59 -7.47 7.85 14.04
N CYS B 60 -8.66 7.21 13.98
CA CYS B 60 -9.63 7.37 15.06
C CYS B 60 -9.07 6.84 16.38
N LEU B 61 -8.43 5.68 16.34
CA LEU B 61 -7.85 5.07 17.54
C LEU B 61 -6.72 5.93 18.10
N GLU B 62 -5.81 6.40 17.22
CA GLU B 62 -4.76 7.30 17.68
C GLU B 62 -5.33 8.55 18.33
N ASP B 63 -6.44 9.07 17.78
CA ASP B 63 -7.05 10.25 18.39
C ASP B 63 -7.69 9.89 19.73
N LEU B 64 -8.37 8.74 19.79
CA LEU B 64 -8.91 8.23 21.04
C LEU B 64 -7.81 8.07 22.07
N ASP B 65 -6.70 7.42 21.69
CA ASP B 65 -5.61 7.23 22.63
C ASP B 65 -5.11 8.57 23.15
N ALA B 66 -4.89 9.53 22.25
CA ALA B 66 -4.40 10.85 22.67
C ALA B 66 -5.37 11.52 23.64
N ASN B 67 -6.68 11.45 23.35
CA ASN B 67 -7.66 12.07 24.25
C ASN B 67 -7.73 11.36 25.59
N LEU B 68 -7.59 10.03 25.58
CA LEU B 68 -7.51 9.28 26.83
C LEU B 68 -6.24 9.64 27.61
N ARG B 69 -5.16 9.98 26.92
CA ARG B 69 -3.92 10.38 27.58
C ARG B 69 -4.14 11.60 28.47
N LYS B 70 -4.92 12.57 28.00
CA LYS B 70 -5.19 13.77 28.79
C LYS B 70 -5.86 13.42 30.09
N LEU B 71 -6.57 12.29 30.13
CA LEU B 71 -7.25 11.81 31.32
C LEU B 71 -6.38 10.82 32.10
N ASN B 72 -5.08 10.78 31.80
CA ASN B 72 -4.13 9.84 32.42
C ASN B 72 -4.54 8.40 32.17
N SER B 73 -5.07 8.15 30.98
CA SER B 73 -5.46 6.83 30.52
C SER B 73 -4.77 6.53 29.19
N ARG B 74 -5.05 5.36 28.63
CA ARG B 74 -4.54 4.95 27.32
C ARG B 74 -5.57 4.02 26.69
N LEU B 75 -5.59 3.99 25.36
CA LEU B 75 -6.33 2.95 24.65
C LEU B 75 -5.50 1.68 24.62
N PHE B 76 -6.18 0.54 24.78
CA PHE B 76 -5.58 -0.79 24.68
C PHE B 76 -6.06 -1.41 23.37
N VAL B 77 -5.14 -1.58 22.42
CA VAL B 77 -5.46 -2.21 21.14
C VAL B 77 -4.97 -3.65 21.17
N ILE B 78 -5.89 -4.59 20.94
CA ILE B 78 -5.60 -6.02 21.01
C ILE B 78 -6.04 -6.66 19.71
N ARG B 79 -5.23 -7.59 19.20
CA ARG B 79 -5.58 -8.32 17.99
C ARG B 79 -6.07 -9.72 18.37
N GLY B 80 -7.19 -10.12 17.81
CA GLY B 80 -7.73 -11.44 18.08
C GLY B 80 -9.24 -11.45 17.87
N GLN B 81 -9.80 -12.64 18.06
CA GLN B 81 -11.25 -12.67 18.02
C GLN B 81 -11.80 -12.42 19.44
N PRO B 82 -12.84 -11.59 19.54
CA PRO B 82 -13.38 -11.25 20.88
C PRO B 82 -13.79 -12.45 21.70
N ALA B 83 -14.31 -13.51 21.09
CA ALA B 83 -14.67 -14.70 21.86
C ALA B 83 -13.45 -15.39 22.45
N ASP B 84 -12.29 -15.30 21.78
CA ASP B 84 -11.05 -15.80 22.36
C ASP B 84 -10.43 -14.81 23.33
N VAL B 85 -10.54 -13.51 23.01
CA VAL B 85 -9.77 -12.49 23.70
C VAL B 85 -10.40 -12.11 25.05
N PHE B 86 -11.71 -11.93 25.08
CA PHE B 86 -12.35 -11.48 26.33
C PHE B 86 -12.22 -12.46 27.49
N PRO B 87 -12.33 -13.79 27.30
CA PRO B 87 -12.10 -14.67 28.46
C PRO B 87 -10.72 -14.52 29.04
N ARG B 88 -9.71 -14.28 28.19
CA ARG B 88 -8.36 -14.05 28.69
C ARG B 88 -8.29 -12.72 29.46
N LEU B 89 -8.90 -11.67 28.92
CA LEU B 89 -8.85 -10.37 29.60
C LEU B 89 -9.60 -10.41 30.93
N PHE B 90 -10.76 -11.07 30.97
CA PHE B 90 -11.52 -11.18 32.21
C PHE B 90 -10.65 -11.68 33.34
N LYS B 91 -9.79 -12.66 33.05
CA LYS B 91 -8.93 -13.23 34.07
C LYS B 91 -7.69 -12.37 34.31
N GLU B 92 -7.00 -12.01 33.23
CA GLU B 92 -5.78 -11.20 33.35
C GLU B 92 -6.03 -9.92 34.13
N TRP B 93 -7.15 -9.26 33.86
CA TRP B 93 -7.47 -7.97 34.47
C TRP B 93 -8.50 -8.06 35.60
N ASN B 94 -8.98 -9.26 35.93
CA ASN B 94 -9.93 -9.46 37.03
C ASN B 94 -11.16 -8.56 36.87
N ILE B 95 -11.81 -8.67 35.73
CA ILE B 95 -12.86 -7.77 35.29
C ILE B 95 -14.19 -8.21 35.85
N THR B 96 -15.01 -7.26 36.32
CA THR B 96 -16.36 -7.56 36.76
C THR B 96 -17.45 -6.85 35.97
N LYS B 97 -17.11 -5.90 35.10
CA LYS B 97 -18.11 -5.22 34.29
C LYS B 97 -17.53 -4.85 32.92
N LEU B 98 -18.34 -5.02 31.90
CA LEU B 98 -17.96 -4.76 30.52
C LEU B 98 -19.05 -3.91 29.88
N SER B 99 -18.64 -2.87 29.14
CA SER B 99 -19.60 -1.97 28.53
C SER B 99 -19.39 -1.92 27.01
N ILE B 100 -20.49 -1.87 26.28
CA ILE B 100 -20.48 -1.67 24.84
C ILE B 100 -21.61 -0.72 24.47
N GLU B 101 -21.39 0.04 23.40
CA GLU B 101 -22.49 0.65 22.68
C GLU B 101 -23.23 -0.42 21.89
N TYR B 102 -24.56 -0.39 21.97
CA TYR B 102 -25.39 -1.35 21.25
C TYR B 102 -25.12 -1.31 19.75
N ASP B 103 -25.10 -2.49 19.12
CA ASP B 103 -24.97 -2.61 17.68
C ASP B 103 -26.23 -3.29 17.13
N SER B 104 -27.00 -2.54 16.34
CA SER B 104 -28.24 -3.06 15.79
C SER B 104 -28.02 -4.00 14.60
N GLU B 105 -26.88 -3.93 13.94
CA GLU B 105 -26.71 -4.70 12.72
C GLU B 105 -26.60 -6.18 13.04
N PRO B 106 -27.18 -7.05 12.21
CA PRO B 106 -27.37 -8.46 12.61
C PRO B 106 -26.07 -9.20 12.94
N PHE B 107 -25.01 -9.01 12.14
CA PHE B 107 -23.73 -9.66 12.48
C PHE B 107 -23.19 -9.14 13.81
N GLY B 108 -23.40 -7.86 14.11
CA GLY B 108 -22.98 -7.34 15.40
C GLY B 108 -23.87 -7.78 16.53
N LYS B 109 -25.18 -7.88 16.27
CA LYS B 109 -26.10 -8.48 17.23
C LYS B 109 -25.63 -9.87 17.65
N GLU B 110 -25.31 -10.72 16.68
CA GLU B 110 -24.94 -12.10 16.96
C GLU B 110 -23.61 -12.18 17.71
N ARG B 111 -22.64 -11.36 17.32
CA ARG B 111 -21.37 -11.33 18.04
C ARG B 111 -21.58 -10.92 19.49
N ASP B 112 -22.37 -9.88 19.72
CA ASP B 112 -22.52 -9.35 21.08
C ASP B 112 -23.30 -10.30 21.97
N ALA B 113 -24.25 -11.04 21.40
CA ALA B 113 -24.94 -12.07 22.16
C ALA B 113 -23.96 -13.12 22.66
N ALA B 114 -23.01 -13.53 21.81
CA ALA B 114 -22.01 -14.51 22.23
C ALA B 114 -21.14 -13.96 23.35
N ILE B 115 -20.71 -12.70 23.22
CA ILE B 115 -19.85 -12.10 24.25
C ILE B 115 -20.61 -11.95 25.56
N LYS B 116 -21.89 -11.54 25.49
CA LYS B 116 -22.67 -11.39 26.70
C LYS B 116 -22.81 -12.72 27.43
N LYS B 117 -23.00 -13.81 26.68
CA LYS B 117 -23.04 -15.13 27.28
C LYS B 117 -21.70 -15.49 27.92
N LEU B 118 -20.61 -15.23 27.21
CA LEU B 118 -19.28 -15.47 27.78
C LEU B 118 -19.07 -14.63 29.03
N ALA B 119 -19.51 -13.37 29.02
CA ALA B 119 -19.30 -12.51 30.17
C ALA B 119 -20.09 -12.99 31.38
N THR B 120 -21.36 -13.32 31.18
CA THR B 120 -22.18 -13.80 32.30
C THR B 120 -21.61 -15.10 32.88
N GLU B 121 -21.17 -16.02 32.00
CA GLU B 121 -20.49 -17.22 32.48
C GLU B 121 -19.28 -16.87 33.34
N ALA B 122 -18.53 -15.85 32.94
CA ALA B 122 -17.41 -15.42 33.75
C ALA B 122 -17.83 -14.63 34.99
N GLY B 123 -19.10 -14.26 35.11
CA GLY B 123 -19.54 -13.42 36.20
C GLY B 123 -19.38 -11.93 35.96
N VAL B 124 -19.16 -11.51 34.72
CA VAL B 124 -18.98 -10.09 34.37
C VAL B 124 -20.33 -9.52 33.94
N GLU B 125 -20.71 -8.39 34.52
CA GLU B 125 -21.95 -7.72 34.12
C GLU B 125 -21.72 -6.92 32.84
N VAL B 126 -22.71 -6.91 31.95
CA VAL B 126 -22.58 -6.26 30.65
C VAL B 126 -23.50 -5.05 30.61
N ILE B 127 -22.92 -3.88 30.37
CA ILE B 127 -23.66 -2.63 30.25
C ILE B 127 -23.79 -2.31 28.77
N VAL B 128 -25.03 -2.20 28.28
CA VAL B 128 -25.33 -1.91 26.88
C VAL B 128 -26.15 -0.64 26.83
N ARG B 129 -25.71 0.32 26.01
CA ARG B 129 -26.42 1.59 25.86
C ARG B 129 -26.51 1.96 24.38
N ILE B 130 -27.65 2.52 23.99
CA ILE B 130 -27.88 2.94 22.61
C ILE B 130 -27.28 4.32 22.44
N SER B 131 -26.40 4.45 21.45
CA SER B 131 -25.79 5.75 21.18
C SER B 131 -25.35 5.86 19.72
N HIS B 132 -25.43 4.78 18.94
CA HIS B 132 -25.07 4.91 17.53
C HIS B 132 -26.23 5.39 16.66
N THR B 133 -27.46 5.28 17.13
CA THR B 133 -28.63 5.75 16.42
C THR B 133 -29.39 6.71 17.31
N LEU B 134 -30.27 7.52 16.70
CA LEU B 134 -31.01 8.50 17.47
C LEU B 134 -32.06 7.85 18.34
N TYR B 135 -32.63 6.74 17.87
CA TYR B 135 -33.75 6.10 18.54
C TYR B 135 -33.41 4.65 18.80
N ASP B 136 -34.26 4.03 19.61
CA ASP B 136 -34.27 2.58 19.79
C ASP B 136 -34.99 1.96 18.59
N LEU B 137 -34.24 1.26 17.74
CA LEU B 137 -34.83 0.71 16.51
C LEU B 137 -35.94 -0.28 16.84
N ASP B 138 -35.81 -1.03 17.94
CA ASP B 138 -36.88 -1.93 18.34
C ASP B 138 -38.16 -1.19 18.68
N LYS B 139 -38.03 0.02 19.22
CA LYS B 139 -39.23 0.79 19.57
C LYS B 139 -39.93 1.27 18.32
N ILE B 140 -39.17 1.78 17.34
CA ILE B 140 -39.75 2.18 16.06
C ILE B 140 -40.47 1.01 15.42
N ILE B 141 -39.82 -0.15 15.40
CA ILE B 141 -40.42 -1.34 14.79
C ILE B 141 -41.69 -1.72 15.53
N GLU B 142 -41.69 -1.61 16.87
CA GLU B 142 -42.86 -1.96 17.65
C GLU B 142 -44.05 -1.06 17.32
N LEU B 143 -43.82 0.24 17.15
CA LEU B 143 -44.90 1.14 16.77
C LEU B 143 -45.49 0.75 15.42
N ASN B 144 -44.65 0.37 14.47
CA ASN B 144 -45.11 -0.02 13.15
C ASN B 144 -45.75 -1.41 13.13
N GLY B 145 -45.83 -2.08 14.27
CA GLY B 145 -46.52 -3.36 14.34
C GLY B 145 -45.64 -4.58 14.29
N GLY B 146 -44.32 -4.44 14.36
CA GLY B 146 -43.41 -5.56 14.36
C GLY B 146 -42.57 -5.69 13.10
N GLN B 147 -42.84 -4.91 12.07
CA GLN B 147 -42.05 -4.93 10.85
C GLN B 147 -41.54 -3.52 10.55
N PRO B 148 -40.29 -3.39 10.14
CA PRO B 148 -39.78 -2.06 9.79
C PRO B 148 -40.51 -1.50 8.59
N PRO B 149 -40.71 -0.18 8.54
CA PRO B 149 -41.25 0.43 7.33
C PRO B 149 -40.28 0.25 6.17
N LEU B 150 -40.83 0.10 4.97
CA LEU B 150 -40.01 0.03 3.77
C LEU B 150 -40.13 1.28 2.91
N THR B 151 -40.73 2.34 3.46
CA THR B 151 -40.87 3.60 2.76
C THR B 151 -40.46 4.73 3.70
N TYR B 152 -39.78 5.72 3.14
CA TYR B 152 -39.28 6.80 3.98
C TYR B 152 -40.42 7.62 4.58
N LYS B 153 -41.52 7.78 3.85
CA LYS B 153 -42.64 8.59 4.34
C LYS B 153 -43.22 8.00 5.62
N ARG B 154 -43.50 6.70 5.62
CA ARG B 154 -44.00 6.05 6.83
C ARG B 154 -42.97 6.12 7.95
N PHE B 155 -41.68 5.97 7.61
CA PHE B 155 -40.66 6.13 8.64
C PHE B 155 -40.73 7.52 9.27
N GLN B 156 -40.87 8.56 8.45
CA GLN B 156 -41.00 9.90 8.98
C GLN B 156 -42.22 10.03 9.88
N THR B 157 -43.34 9.41 9.47
CA THR B 157 -44.54 9.45 10.29
C THR B 157 -44.30 8.78 11.64
N LEU B 158 -43.52 7.69 11.67
CA LEU B 158 -43.20 7.02 12.92
C LEU B 158 -42.33 7.90 13.81
N VAL B 159 -41.29 8.52 13.23
CA VAL B 159 -40.41 9.39 13.99
C VAL B 159 -41.18 10.60 14.50
N SER B 160 -42.18 11.04 13.74
CA SER B 160 -42.96 12.21 14.13
C SER B 160 -43.75 11.95 15.40
N LYS B 161 -44.07 10.68 15.69
CA LYS B 161 -44.83 10.29 16.88
C LYS B 161 -43.95 9.89 18.05
N MET B 162 -42.63 9.84 17.86
CA MET B 162 -41.72 9.44 18.92
C MET B 162 -41.62 10.52 19.99
N GLU B 163 -41.07 10.13 21.14
CA GLU B 163 -40.84 11.09 22.21
C GLU B 163 -39.63 11.96 21.86
N PRO B 164 -39.53 13.14 22.49
CA PRO B 164 -38.36 13.99 22.23
C PRO B 164 -37.07 13.35 22.71
N LEU B 165 -36.00 13.63 21.97
CA LEU B 165 -34.71 13.01 22.26
C LEU B 165 -34.16 13.50 23.60
N GLU B 166 -33.67 12.58 24.41
CA GLU B 166 -33.02 12.96 25.64
C GLU B 166 -31.67 13.61 25.36
N MET B 167 -31.16 14.31 26.37
CA MET B 167 -29.91 15.05 26.22
C MET B 167 -28.74 14.09 26.01
N PRO B 168 -27.73 14.51 25.24
CA PRO B 168 -26.55 13.66 25.06
C PRO B 168 -25.85 13.41 26.38
N ALA B 169 -25.22 12.23 26.49
CA ALA B 169 -24.46 11.91 27.69
C ALA B 169 -23.33 12.92 27.88
N ASP B 170 -22.98 13.17 29.14
CA ASP B 170 -21.87 14.07 29.43
C ASP B 170 -20.58 13.52 28.87
N THR B 171 -19.76 14.42 28.33
CA THR B 171 -18.44 14.04 27.84
C THR B 171 -17.62 13.44 28.97
N ILE B 172 -16.84 12.42 28.66
CA ILE B 172 -15.94 11.85 29.66
C ILE B 172 -14.81 12.84 29.94
N THR B 173 -14.74 13.29 31.19
CA THR B 173 -13.74 14.27 31.63
C THR B 173 -13.07 13.76 32.90
N SER B 174 -12.12 14.56 33.40
CA SER B 174 -11.48 14.25 34.68
C SER B 174 -12.51 14.15 35.80
N ASP B 175 -13.52 15.02 35.78
CA ASP B 175 -14.54 15.02 36.84
C ASP B 175 -15.37 13.74 36.79
N VAL B 176 -15.74 13.29 35.58
CA VAL B 176 -16.48 12.05 35.44
C VAL B 176 -15.62 10.86 35.84
N ILE B 177 -14.33 10.92 35.50
CA ILE B 177 -13.43 9.81 35.81
C ILE B 177 -13.31 9.64 37.32
N GLY B 178 -13.18 10.74 38.04
CA GLY B 178 -13.11 10.66 39.50
C GLY B 178 -11.85 9.96 39.95
N LYS B 179 -12.02 9.01 40.88
CA LYS B 179 -10.90 8.23 41.40
C LYS B 179 -10.67 6.95 40.62
N CYS B 180 -11.34 6.79 39.47
CA CYS B 180 -11.28 5.55 38.69
C CYS B 180 -10.11 5.63 37.72
N MET B 181 -8.99 5.02 38.08
CA MET B 181 -7.76 5.14 37.31
C MET B 181 -7.60 3.99 36.33
N THR B 182 -6.60 4.12 35.45
CA THR B 182 -6.23 3.07 34.51
C THR B 182 -4.83 2.56 34.84
N PRO B 183 -4.67 1.29 35.20
CA PRO B 183 -3.32 0.73 35.41
C PRO B 183 -2.58 0.62 34.08
N LEU B 184 -1.36 1.15 34.05
CA LEU B 184 -0.54 1.11 32.85
C LEU B 184 0.85 0.59 33.18
N SER B 185 1.39 -0.25 32.29
CA SER B 185 2.77 -0.68 32.37
C SER B 185 3.65 0.26 31.54
N ASP B 186 4.97 0.16 31.76
CA ASP B 186 5.90 1.08 31.11
C ASP B 186 6.02 0.83 29.61
N ASP B 187 5.86 -0.41 29.17
CA ASP B 187 5.90 -0.71 27.74
C ASP B 187 4.50 -0.84 27.15
N HIS B 188 3.63 0.13 27.44
CA HIS B 188 2.25 0.01 26.98
C HIS B 188 2.17 0.00 25.46
N ASP B 189 2.95 0.87 24.80
CA ASP B 189 2.90 0.96 23.33
C ASP B 189 3.34 -0.35 22.68
N GLU B 190 4.37 -1.01 23.24
CA GLU B 190 4.82 -2.29 22.71
C GLU B 190 3.74 -3.36 22.84
N LYS B 191 2.98 -3.34 23.94
CA LYS B 191 1.96 -4.36 24.20
C LYS B 191 0.65 -4.04 23.49
N TYR B 192 0.16 -2.79 23.62
CA TYR B 192 -1.20 -2.46 23.24
C TYR B 192 -1.30 -1.22 22.36
N GLY B 193 -0.20 -0.80 21.72
CA GLY B 193 -0.23 0.40 20.90
C GLY B 193 -1.04 0.23 19.63
N VAL B 194 -1.43 1.37 19.05
CA VAL B 194 -2.17 1.40 17.78
C VAL B 194 -1.20 1.04 16.66
N PRO B 195 -1.48 0.03 15.86
CA PRO B 195 -0.56 -0.33 14.78
C PRO B 195 -0.62 0.68 13.65
N SER B 196 0.46 0.71 12.87
CA SER B 196 0.47 1.44 11.61
C SER B 196 -0.01 0.53 10.49
N LEU B 197 -0.35 1.15 9.35
CA LEU B 197 -0.77 0.37 8.19
C LEU B 197 0.28 -0.66 7.81
N GLU B 198 1.54 -0.23 7.72
CA GLU B 198 2.62 -1.16 7.41
C GLU B 198 2.70 -2.28 8.43
N GLU B 199 2.53 -1.96 9.72
CA GLU B 199 2.59 -2.98 10.75
C GLU B 199 1.45 -3.98 10.64
N LEU B 200 0.38 -3.62 9.92
CA LEU B 200 -0.68 -4.56 9.57
C LEU B 200 -0.45 -5.19 8.20
N GLY B 201 0.67 -4.89 7.53
CA GLY B 201 0.99 -5.49 6.26
C GLY B 201 0.46 -4.78 5.04
N PHE B 202 0.01 -3.54 5.17
CA PHE B 202 -0.49 -2.80 4.02
C PHE B 202 0.66 -2.17 3.24
N ASP B 203 0.42 -1.97 1.95
CA ASP B 203 1.34 -1.26 1.08
C ASP B 203 0.91 0.19 0.98
N THR B 204 1.64 1.09 1.63
CA THR B 204 1.30 2.51 1.67
C THR B 204 2.22 3.37 0.80
N ASP B 205 3.03 2.75 -0.05
CA ASP B 205 4.01 3.49 -0.82
C ASP B 205 3.32 4.49 -1.74
N GLY B 206 3.68 5.77 -1.60
CA GLY B 206 3.12 6.81 -2.43
C GLY B 206 1.74 7.28 -2.03
N LEU B 207 1.23 6.83 -0.88
CA LEU B 207 -0.01 7.40 -0.35
C LEU B 207 0.21 8.86 0.02
N SER B 208 -0.78 9.69 -0.25
CA SER B 208 -0.74 11.09 0.13
C SER B 208 -1.48 11.28 1.45
N SER B 209 -1.37 12.50 1.97
CA SER B 209 -2.08 12.84 3.20
C SER B 209 -3.58 12.63 3.02
N ALA B 210 -4.21 12.02 4.03
CA ALA B 210 -5.61 11.63 3.91
C ALA B 210 -6.49 12.84 3.69
N VAL B 211 -7.42 12.71 2.73
CA VAL B 211 -8.43 13.74 2.49
C VAL B 211 -9.46 13.74 3.62
N TRP B 212 -9.70 12.59 4.25
CA TRP B 212 -10.62 12.47 5.38
C TRP B 212 -9.86 11.97 6.59
N PRO B 213 -9.17 12.86 7.31
CA PRO B 213 -8.45 12.41 8.52
C PRO B 213 -9.45 11.92 9.55
N GLY B 214 -9.09 10.82 10.22
CA GLY B 214 -10.02 10.18 11.13
C GLY B 214 -9.99 10.78 12.51
N GLY B 215 -11.07 10.56 13.25
CA GLY B 215 -11.07 10.82 14.68
C GLY B 215 -12.07 11.84 15.18
N GLU B 216 -12.34 11.79 16.49
CA GLU B 216 -13.34 12.66 17.11
C GLU B 216 -12.91 14.13 17.07
N THR B 217 -11.60 14.41 17.24
CA THR B 217 -11.13 15.79 17.22
C THR B 217 -11.36 16.43 15.85
N GLU B 218 -11.01 15.72 14.78
CA GLU B 218 -11.34 16.19 13.44
C GLU B 218 -12.84 16.35 13.26
N ALA B 219 -13.62 15.41 13.80
CA ALA B 219 -15.07 15.44 13.64
C ALA B 219 -15.68 16.66 14.32
N LEU B 220 -15.30 16.92 15.58
CA LEU B 220 -15.81 18.09 16.28
C LEU B 220 -15.36 19.38 15.62
N THR B 221 -14.13 19.40 15.09
CA THR B 221 -13.65 20.58 14.38
C THR B 221 -14.44 20.84 13.12
N ARG B 222 -14.84 19.78 12.40
CA ARG B 222 -15.63 19.96 11.19
C ARG B 222 -17.07 20.33 11.49
N LEU B 223 -17.61 19.81 12.60
CA LEU B 223 -18.98 20.14 12.97
C LEU B 223 -19.11 21.63 13.27
N GLU B 224 -18.12 22.21 13.97
CA GLU B 224 -18.18 23.62 14.30
C GLU B 224 -18.10 24.48 13.03
N ARG B 225 -17.21 24.12 12.11
CA ARG B 225 -17.12 24.85 10.84
C ARG B 225 -18.36 24.61 9.99
N HIS B 226 -18.88 23.38 10.00
CA HIS B 226 -20.11 23.10 9.25
C HIS B 226 -21.27 23.94 9.75
N LEU B 227 -21.43 24.06 11.08
CA LEU B 227 -22.52 24.85 11.62
C LEU B 227 -22.35 26.33 11.31
N GLU B 228 -21.11 26.83 11.35
CA GLU B 228 -20.85 28.22 10.98
C GLU B 228 -21.25 28.49 9.53
N ARG B 229 -20.88 27.60 8.61
CA ARG B 229 -21.19 27.82 7.20
C ARG B 229 -22.68 27.71 6.94
N LYS B 230 -23.36 26.76 7.59
CA LYS B 230 -24.80 26.61 7.40
C LYS B 230 -25.55 27.83 7.90
N ALA B 231 -24.98 28.56 8.86
CA ALA B 231 -25.61 29.76 9.38
C ALA B 231 -25.55 30.89 8.34
N MET B 241 -26.47 18.84 -7.30
CA MET B 241 -25.02 18.97 -7.16
C MET B 241 -24.44 19.91 -8.21
N ASN B 242 -23.19 20.32 -8.01
CA ASN B 242 -22.46 21.14 -8.97
C ASN B 242 -21.02 20.63 -9.04
N ALA B 243 -20.23 21.25 -9.92
CA ALA B 243 -18.86 20.76 -10.14
C ALA B 243 -18.05 20.77 -8.85
N ASN B 244 -18.13 21.85 -8.07
CA ASN B 244 -17.41 21.91 -6.80
C ASN B 244 -17.97 20.90 -5.79
N SER B 245 -19.26 20.56 -5.89
CA SER B 245 -19.86 19.62 -4.95
C SER B 245 -19.26 18.23 -5.04
N LEU B 246 -18.72 17.87 -6.22
CA LEU B 246 -18.15 16.54 -6.38
C LEU B 246 -16.89 16.36 -5.54
N LEU B 247 -16.16 17.45 -5.28
CA LEU B 247 -14.93 17.35 -4.52
C LEU B 247 -15.23 17.19 -3.03
N ALA B 248 -14.29 16.61 -2.31
CA ALA B 248 -14.49 16.35 -0.89
C ALA B 248 -14.62 17.65 -0.12
N SER B 249 -15.60 17.72 0.74
CA SER B 249 -15.88 18.96 1.46
C SER B 249 -15.11 18.97 2.78
N PRO B 250 -14.44 20.09 3.11
CA PRO B 250 -13.76 20.17 4.41
C PRO B 250 -14.70 20.18 5.61
N THR B 251 -16.01 20.36 5.41
CA THR B 251 -16.98 20.26 6.49
C THR B 251 -17.85 19.02 6.40
N GLY B 252 -17.49 18.04 5.57
CA GLY B 252 -18.29 16.83 5.44
C GLY B 252 -18.16 15.95 6.67
N LEU B 253 -19.27 15.33 7.05
CA LEU B 253 -19.32 14.61 8.32
C LEU B 253 -19.67 13.14 8.22
N SER B 254 -20.04 12.64 7.05
CA SER B 254 -20.60 11.29 6.97
C SER B 254 -19.61 10.18 7.39
N PRO B 255 -18.32 10.22 7.02
CA PRO B 255 -17.41 9.18 7.58
C PRO B 255 -17.33 9.22 9.09
N TYR B 256 -17.39 10.41 9.68
CA TYR B 256 -17.31 10.56 11.13
C TYR B 256 -18.55 10.04 11.83
N LEU B 257 -19.70 10.06 11.15
CA LEU B 257 -20.91 9.45 11.70
C LEU B 257 -20.86 7.92 11.61
N ARG B 258 -20.38 7.40 10.47
CA ARG B 258 -20.25 5.95 10.31
C ARG B 258 -19.35 5.36 11.38
N PHE B 259 -18.21 5.99 11.66
CA PHE B 259 -17.28 5.43 12.64
C PHE B 259 -17.63 5.78 14.08
N GLY B 260 -18.56 6.71 14.30
CA GLY B 260 -18.88 7.13 15.64
C GLY B 260 -17.98 8.21 16.22
N CYS B 261 -17.04 8.77 15.45
CA CYS B 261 -16.27 9.92 15.91
C CYS B 261 -17.18 11.08 16.29
N LEU B 262 -18.32 11.20 15.62
CA LEU B 262 -19.27 12.27 15.85
C LEU B 262 -20.59 11.64 16.26
N SER B 263 -21.11 12.05 17.41
CA SER B 263 -22.40 11.56 17.87
C SER B 263 -23.53 12.09 16.98
N CYS B 264 -24.41 11.19 16.53
CA CYS B 264 -25.55 11.65 15.76
C CYS B 264 -26.51 12.47 16.63
N ARG B 265 -26.61 12.17 17.92
CA ARG B 265 -27.49 12.95 18.79
C ARG B 265 -26.92 14.34 19.05
N LEU B 266 -25.60 14.46 19.21
CA LEU B 266 -24.97 15.77 19.32
C LEU B 266 -25.24 16.60 18.07
N PHE B 267 -24.95 16.05 16.89
CA PHE B 267 -25.25 16.74 15.64
C PHE B 267 -26.72 17.14 15.57
N TYR B 268 -27.62 16.21 15.91
CA TYR B 268 -29.05 16.51 15.97
C TYR B 268 -29.30 17.72 16.86
N PHE B 269 -28.76 17.71 18.08
CA PHE B 269 -29.01 18.81 19.01
C PHE B 269 -28.38 20.12 18.53
N LYS B 270 -27.21 20.05 17.89
CA LYS B 270 -26.59 21.27 17.38
C LYS B 270 -27.41 21.88 16.24
N LEU B 271 -27.98 21.02 15.38
CA LEU B 271 -28.85 21.49 14.31
C LEU B 271 -30.09 22.17 14.86
N THR B 272 -30.74 21.54 15.84
CA THR B 272 -31.87 22.18 16.52
C THR B 272 -31.45 23.52 17.09
N ASP B 273 -30.32 23.54 17.80
CA ASP B 273 -29.80 24.76 18.39
C ASP B 273 -29.63 25.86 17.33
N LEU B 274 -29.05 25.50 16.18
CA LEU B 274 -28.85 26.48 15.12
C LEU B 274 -30.18 26.98 14.56
N TYR B 275 -31.09 26.05 14.25
CA TYR B 275 -32.40 26.41 13.71
C TYR B 275 -33.12 27.41 14.62
N LYS B 276 -33.17 27.11 15.93
CA LYS B 276 -33.83 28.02 16.87
C LYS B 276 -33.18 29.40 16.86
N LYS B 277 -31.84 29.44 16.80
CA LYS B 277 -31.14 30.73 16.79
C LYS B 277 -31.46 31.51 15.52
N VAL B 278 -31.41 30.84 14.36
CA VAL B 278 -31.73 31.49 13.10
C VAL B 278 -33.25 31.59 12.93
N SER B 282 -38.28 28.69 15.85
CA SER B 282 -39.53 27.95 15.98
C SER B 282 -39.29 26.43 16.05
N SER B 283 -40.24 25.61 15.50
CA SER B 283 -40.19 24.15 15.59
C SER B 283 -39.72 23.55 14.28
N PRO B 284 -38.67 22.70 14.31
CA PRO B 284 -38.02 22.31 13.07
C PRO B 284 -38.84 21.29 12.30
N PRO B 285 -38.77 21.30 10.98
CA PRO B 285 -39.28 20.18 10.19
C PRO B 285 -38.23 19.07 10.07
N LEU B 286 -38.71 17.87 9.72
CA LEU B 286 -37.85 16.70 9.72
C LEU B 286 -36.76 16.76 8.64
N SER B 287 -36.97 17.53 7.57
CA SER B 287 -35.92 17.68 6.57
C SER B 287 -34.67 18.31 7.14
N LEU B 288 -34.78 19.05 8.24
CA LEU B 288 -33.60 19.58 8.90
C LEU B 288 -32.68 18.46 9.35
N TYR B 289 -33.27 17.36 9.84
CA TYR B 289 -32.51 16.19 10.27
C TYR B 289 -32.49 15.10 9.20
N GLY B 290 -32.64 15.49 7.92
CA GLY B 290 -32.78 14.51 6.86
C GLY B 290 -31.59 13.55 6.76
N GLN B 291 -30.37 14.08 6.92
CA GLN B 291 -29.18 13.23 6.81
C GLN B 291 -29.19 12.14 7.87
N LEU B 292 -29.64 12.47 9.08
CA LEU B 292 -29.65 11.48 10.17
C LEU B 292 -30.85 10.54 10.06
N LEU B 293 -32.00 11.06 9.61
CA LEU B 293 -33.18 10.21 9.49
C LEU B 293 -32.99 9.14 8.42
N TRP B 294 -32.36 9.50 7.29
CA TRP B 294 -32.14 8.52 6.24
C TRP B 294 -31.22 7.41 6.71
N ARG B 295 -30.20 7.74 7.51
CA ARG B 295 -29.36 6.71 8.11
C ARG B 295 -30.19 5.83 9.04
N GLU B 296 -30.98 6.47 9.91
CA GLU B 296 -31.85 5.72 10.82
C GLU B 296 -32.80 4.80 10.06
N PHE B 297 -33.30 5.25 8.90
CA PHE B 297 -34.24 4.44 8.12
C PHE B 297 -33.61 3.11 7.73
N PHE B 298 -32.38 3.14 7.19
CA PHE B 298 -31.76 1.90 6.73
C PHE B 298 -31.34 1.01 7.89
N TYR B 299 -30.87 1.61 8.99
CA TYR B 299 -30.56 0.82 10.18
C TYR B 299 -31.80 0.09 10.68
N THR B 300 -32.96 0.75 10.58
CA THR B 300 -34.20 0.14 11.03
C THR B 300 -34.64 -0.98 10.10
N ALA B 301 -34.50 -0.77 8.79
CA ALA B 301 -34.85 -1.82 7.83
C ALA B 301 -34.01 -3.07 8.03
N ALA B 302 -32.75 -2.91 8.43
CA ALA B 302 -31.78 -4.00 8.41
C ALA B 302 -31.74 -4.83 9.69
N THR B 303 -32.15 -4.26 10.83
CA THR B 303 -31.69 -4.81 12.11
C THR B 303 -32.22 -6.22 12.36
N ASN B 304 -33.44 -6.51 11.91
CA ASN B 304 -34.04 -7.82 12.10
C ASN B 304 -33.95 -8.70 10.87
N ASN B 305 -33.10 -8.34 9.89
CA ASN B 305 -32.98 -9.09 8.64
C ASN B 305 -31.56 -9.62 8.51
N PRO B 306 -31.30 -10.86 8.94
CA PRO B 306 -29.94 -11.40 8.85
C PRO B 306 -29.44 -11.59 7.44
N ARG B 307 -30.33 -11.66 6.43
CA ARG B 307 -29.92 -11.76 5.03
C ARG B 307 -30.13 -10.45 4.28
N PHE B 308 -30.09 -9.32 5.00
CA PHE B 308 -30.32 -8.00 4.41
C PHE B 308 -29.32 -7.68 3.31
N ASP B 309 -28.12 -8.28 3.35
CA ASP B 309 -27.08 -8.01 2.36
C ASP B 309 -27.03 -9.06 1.24
N LYS B 310 -28.05 -9.91 1.13
CA LYS B 310 -28.10 -10.93 0.11
C LYS B 310 -29.36 -10.75 -0.72
N MET B 311 -29.35 -11.34 -1.91
CA MET B 311 -30.58 -11.46 -2.69
C MET B 311 -31.36 -12.72 -2.30
N GLU B 312 -30.74 -13.89 -2.48
CA GLU B 312 -31.40 -15.14 -2.13
C GLU B 312 -31.63 -15.22 -0.63
N GLY B 313 -32.83 -15.65 -0.24
CA GLY B 313 -33.18 -15.75 1.15
C GLY B 313 -33.48 -14.44 1.85
N ASN B 314 -33.52 -13.33 1.10
CA ASN B 314 -33.87 -12.04 1.67
C ASN B 314 -35.33 -11.73 1.39
N PRO B 315 -36.18 -11.62 2.42
CA PRO B 315 -37.63 -11.49 2.16
C PRO B 315 -38.04 -10.16 1.54
N ILE B 316 -37.21 -9.12 1.61
CA ILE B 316 -37.63 -7.83 1.06
C ILE B 316 -37.01 -7.57 -0.30
N CYS B 317 -36.23 -8.50 -0.83
CA CYS B 317 -35.48 -8.28 -2.05
C CYS B 317 -36.08 -9.08 -3.20
N VAL B 318 -36.40 -8.37 -4.29
CA VAL B 318 -36.89 -9.03 -5.51
C VAL B 318 -35.77 -9.88 -6.11
N GLN B 319 -36.12 -11.08 -6.58
CA GLN B 319 -35.15 -12.01 -7.15
C GLN B 319 -34.95 -11.71 -8.63
N ILE B 320 -33.76 -11.25 -8.99
CA ILE B 320 -33.46 -10.79 -10.34
C ILE B 320 -32.32 -11.64 -10.88
N PRO B 321 -32.41 -12.16 -12.12
CA PRO B 321 -31.33 -13.00 -12.67
C PRO B 321 -30.16 -12.17 -13.18
N TRP B 322 -29.34 -11.71 -12.24
CA TRP B 322 -28.19 -10.90 -12.60
C TRP B 322 -27.16 -11.72 -13.37
N ASP B 323 -26.45 -11.05 -14.28
CA ASP B 323 -25.36 -11.68 -14.98
C ASP B 323 -24.17 -11.89 -14.05
N LYS B 324 -23.39 -12.93 -14.34
CA LYS B 324 -22.11 -13.17 -13.69
C LYS B 324 -21.00 -12.82 -14.67
N ASN B 325 -20.25 -11.76 -14.39
CA ASN B 325 -19.22 -11.29 -15.32
C ASN B 325 -18.06 -10.72 -14.50
N PRO B 326 -17.13 -11.58 -14.09
CA PRO B 326 -16.00 -11.10 -13.27
C PRO B 326 -15.16 -10.03 -13.96
N GLU B 327 -14.96 -10.14 -15.28
CA GLU B 327 -14.10 -9.19 -15.98
C GLU B 327 -14.78 -7.83 -16.10
N ALA B 328 -16.07 -7.81 -16.46
CA ALA B 328 -16.80 -6.54 -16.47
C ALA B 328 -16.84 -5.93 -15.07
N LEU B 329 -17.03 -6.76 -14.04
CA LEU B 329 -17.05 -6.25 -12.67
C LEU B 329 -15.71 -5.64 -12.29
N ALA B 330 -14.60 -6.24 -12.73
CA ALA B 330 -13.27 -5.70 -12.42
C ALA B 330 -13.08 -4.34 -13.06
N LYS B 331 -13.51 -4.18 -14.33
CA LYS B 331 -13.38 -2.89 -15.01
C LYS B 331 -14.14 -1.80 -14.27
N TRP B 332 -15.35 -2.09 -13.82
CA TRP B 332 -16.11 -1.11 -13.03
C TRP B 332 -15.41 -0.84 -11.71
N ALA B 333 -15.04 -1.90 -10.98
CA ALA B 333 -14.39 -1.74 -9.68
C ALA B 333 -13.13 -0.89 -9.79
N GLU B 334 -12.36 -1.06 -10.87
CA GLU B 334 -11.06 -0.45 -11.00
C GLU B 334 -11.07 0.86 -11.80
N GLY B 335 -12.24 1.31 -12.25
CA GLY B 335 -12.29 2.52 -13.03
C GLY B 335 -11.68 2.39 -14.41
N ARG B 336 -11.91 1.27 -15.09
CA ARG B 336 -11.44 1.02 -16.44
C ARG B 336 -12.60 0.71 -17.37
N THR B 337 -13.75 1.36 -17.16
CA THR B 337 -14.92 1.13 -18.01
C THR B 337 -14.76 1.75 -19.39
N GLY B 338 -13.90 2.75 -19.53
CA GLY B 338 -13.80 3.50 -20.75
C GLY B 338 -14.72 4.69 -20.80
N PHE B 339 -15.60 4.86 -19.80
CA PHE B 339 -16.46 6.03 -19.69
C PHE B 339 -15.85 6.95 -18.63
N PRO B 340 -15.33 8.12 -19.02
CA PRO B 340 -14.56 8.93 -18.05
C PRO B 340 -15.34 9.33 -16.81
N TRP B 341 -16.61 9.67 -16.97
CA TRP B 341 -17.44 10.03 -15.81
C TRP B 341 -17.45 8.90 -14.80
N ILE B 342 -17.72 7.68 -15.27
CA ILE B 342 -17.75 6.52 -14.38
C ILE B 342 -16.36 6.26 -13.81
N ASP B 343 -15.34 6.28 -14.66
CA ASP B 343 -13.98 5.97 -14.20
C ASP B 343 -13.46 7.01 -13.23
N ALA B 344 -13.77 8.29 -13.46
CA ALA B 344 -13.31 9.33 -12.53
C ALA B 344 -13.95 9.16 -11.15
N ILE B 345 -15.24 8.83 -11.11
CA ILE B 345 -15.91 8.60 -9.83
C ILE B 345 -15.25 7.43 -9.11
N MET B 346 -15.10 6.30 -9.79
CA MET B 346 -14.54 5.13 -9.13
C MET B 346 -13.08 5.35 -8.75
N THR B 347 -12.37 6.20 -9.50
CA THR B 347 -11.00 6.53 -9.13
C THR B 347 -10.98 7.42 -7.88
N GLN B 348 -11.90 8.38 -7.80
CA GLN B 348 -11.98 9.21 -6.59
C GLN B 348 -12.32 8.35 -5.37
N LEU B 349 -13.31 7.47 -5.51
CA LEU B 349 -13.67 6.58 -4.40
C LEU B 349 -12.45 5.80 -3.91
N ARG B 350 -11.77 5.10 -4.82
CA ARG B 350 -10.62 4.32 -4.42
C ARG B 350 -9.54 5.20 -3.79
N GLN B 351 -9.32 6.39 -4.35
CA GLN B 351 -8.20 7.21 -3.89
C GLN B 351 -8.47 7.89 -2.55
N GLU B 352 -9.72 8.29 -2.28
CA GLU B 352 -10.04 9.11 -1.12
C GLU B 352 -11.06 8.48 -0.17
N GLY B 353 -11.91 7.57 -0.63
CA GLY B 353 -12.89 6.95 0.22
C GLY B 353 -14.23 7.66 0.32
N TRP B 354 -14.47 8.65 -0.51
CA TRP B 354 -15.75 9.34 -0.51
C TRP B 354 -16.04 9.85 -1.92
N ILE B 355 -17.31 9.71 -2.32
CA ILE B 355 -17.83 10.29 -3.56
C ILE B 355 -19.22 10.84 -3.28
N HIS B 356 -19.63 11.81 -4.10
CA HIS B 356 -20.90 12.49 -3.88
C HIS B 356 -22.07 11.51 -3.95
N HIS B 357 -23.12 11.82 -3.19
CA HIS B 357 -24.37 11.06 -3.20
C HIS B 357 -24.82 10.74 -4.62
N LEU B 358 -24.92 11.76 -5.47
CA LEU B 358 -25.40 11.53 -6.82
C LEU B 358 -24.38 10.78 -7.69
N ALA B 359 -23.10 10.86 -7.33
CA ALA B 359 -22.11 10.05 -8.05
C ALA B 359 -22.27 8.57 -7.72
N ARG B 360 -22.72 8.26 -6.51
CA ARG B 360 -23.03 6.87 -6.16
C ARG B 360 -24.20 6.35 -6.97
N HIS B 361 -25.23 7.18 -7.19
CA HIS B 361 -26.31 6.78 -8.09
C HIS B 361 -25.78 6.44 -9.47
N ALA B 362 -24.87 7.28 -9.99
CA ALA B 362 -24.35 7.07 -11.34
C ALA B 362 -23.66 5.72 -11.46
N VAL B 363 -22.74 5.41 -10.54
CA VAL B 363 -21.96 4.18 -10.70
C VAL B 363 -22.77 2.95 -10.32
N ALA B 364 -23.73 3.08 -9.39
CA ALA B 364 -24.57 1.94 -9.04
C ALA B 364 -25.49 1.55 -10.19
N CYS B 365 -26.12 2.55 -10.82
CA CYS B 365 -26.96 2.30 -11.99
C CYS B 365 -26.15 1.65 -13.11
N PHE B 366 -24.96 2.19 -13.40
CA PHE B 366 -24.10 1.59 -14.43
C PHE B 366 -23.89 0.11 -14.18
N LEU B 367 -23.54 -0.25 -12.94
CA LEU B 367 -23.18 -1.64 -12.62
C LEU B 367 -24.38 -2.57 -12.71
N THR B 368 -25.54 -2.13 -12.22
CA THR B 368 -26.65 -3.06 -12.05
C THR B 368 -27.69 -2.89 -13.16
N ARG B 369 -28.78 -2.19 -12.85
CA ARG B 369 -29.91 -2.11 -13.78
C ARG B 369 -29.59 -1.33 -15.04
N GLY B 370 -28.58 -0.46 -15.02
CA GLY B 370 -28.35 0.38 -16.19
C GLY B 370 -27.61 -0.28 -17.33
N ASP B 371 -26.39 -0.75 -17.09
CA ASP B 371 -25.54 -1.19 -18.19
C ASP B 371 -25.02 -2.62 -18.04
N LEU B 372 -24.32 -2.92 -16.95
CA LEU B 372 -23.60 -4.19 -16.87
C LEU B 372 -24.47 -5.35 -16.40
N TRP B 373 -25.63 -5.08 -15.81
CA TRP B 373 -26.55 -6.11 -15.32
C TRP B 373 -25.87 -7.07 -14.36
N ILE B 374 -25.03 -6.53 -13.50
CA ILE B 374 -24.30 -7.30 -12.52
C ILE B 374 -24.98 -7.11 -11.17
N SER B 375 -24.90 -8.14 -10.32
CA SER B 375 -25.64 -8.15 -9.07
C SER B 375 -25.27 -6.98 -8.17
N TRP B 376 -26.29 -6.39 -7.54
CA TRP B 376 -26.06 -5.34 -6.55
C TRP B 376 -25.21 -5.82 -5.39
N GLU B 377 -25.16 -7.14 -5.15
CA GLU B 377 -24.29 -7.67 -4.10
C GLU B 377 -22.82 -7.45 -4.42
N GLU B 378 -22.44 -7.55 -5.69
CA GLU B 378 -21.06 -7.24 -6.09
C GLU B 378 -20.75 -5.76 -5.89
N GLY B 379 -21.70 -4.88 -6.17
CA GLY B 379 -21.48 -3.46 -5.91
C GLY B 379 -21.28 -3.18 -4.42
N MET B 380 -22.13 -3.78 -3.59
CA MET B 380 -22.02 -3.56 -2.15
C MET B 380 -20.66 -3.99 -1.62
N LYS B 381 -20.12 -5.11 -2.13
CA LYS B 381 -18.81 -5.59 -1.66
C LYS B 381 -17.70 -4.61 -2.00
N VAL B 382 -17.75 -4.00 -3.20
CA VAL B 382 -16.73 -3.02 -3.55
C VAL B 382 -16.85 -1.78 -2.66
N PHE B 383 -18.06 -1.31 -2.42
CA PHE B 383 -18.24 -0.14 -1.56
C PHE B 383 -17.86 -0.44 -0.12
N GLU B 384 -18.09 -1.68 0.34
CA GLU B 384 -17.73 -2.03 1.70
C GLU B 384 -16.23 -1.87 1.93
N GLU B 385 -15.42 -2.19 0.92
CA GLU B 385 -13.98 -2.03 1.11
C GLU B 385 -13.52 -0.58 0.92
N LEU B 386 -14.20 0.21 0.07
CA LEU B 386 -13.68 1.50 -0.35
C LEU B 386 -14.38 2.71 0.26
N LEU B 387 -15.65 2.61 0.64
CA LEU B 387 -16.45 3.79 1.00
C LEU B 387 -16.47 3.97 2.52
N LEU B 388 -15.97 5.13 2.97
CA LEU B 388 -15.80 5.43 4.39
C LEU B 388 -17.13 5.53 5.13
N ASP B 389 -18.13 6.18 4.56
CA ASP B 389 -19.40 6.37 5.26
C ASP B 389 -20.38 5.23 5.03
N ALA B 390 -19.94 4.11 4.45
CA ALA B 390 -20.87 3.07 4.01
C ALA B 390 -21.07 2.06 5.12
N ASP B 391 -21.93 2.39 6.07
CA ASP B 391 -22.39 1.41 7.04
C ASP B 391 -22.98 0.20 6.32
N TRP B 392 -22.77 -0.99 6.91
CA TRP B 392 -23.37 -2.22 6.40
C TRP B 392 -24.85 -2.06 6.09
N SER B 393 -25.62 -1.54 7.05
CA SER B 393 -27.06 -1.35 6.84
C SER B 393 -27.34 -0.41 5.68
N ILE B 394 -26.58 0.69 5.59
CA ILE B 394 -26.83 1.68 4.57
C ILE B 394 -26.34 1.18 3.21
N ASN B 395 -25.17 0.55 3.19
CA ASN B 395 -24.63 0.00 1.95
C ASN B 395 -25.58 -1.03 1.34
N ALA B 396 -25.99 -2.02 2.13
CA ALA B 396 -26.92 -3.03 1.61
C ALA B 396 -28.23 -2.41 1.17
N GLY B 397 -28.83 -1.57 2.02
CA GLY B 397 -30.12 -0.96 1.69
C GLY B 397 -30.03 -0.09 0.45
N SER B 398 -28.97 0.72 0.33
CA SER B 398 -28.83 1.62 -0.81
C SER B 398 -28.71 0.82 -2.11
N TRP B 399 -27.88 -0.23 -2.10
CA TRP B 399 -27.66 -1.00 -3.32
C TRP B 399 -28.92 -1.71 -3.77
N MET B 400 -29.76 -2.16 -2.84
CA MET B 400 -31.06 -2.69 -3.19
C MET B 400 -31.96 -1.59 -3.75
N TRP B 401 -31.97 -0.43 -3.10
CA TRP B 401 -32.78 0.70 -3.54
C TRP B 401 -32.44 1.10 -4.98
N LEU B 402 -31.15 1.30 -5.26
CA LEU B 402 -30.73 1.86 -6.54
C LEU B 402 -30.74 0.84 -7.67
N SER B 403 -30.78 -0.45 -7.36
CA SER B 403 -30.91 -1.48 -8.38
C SER B 403 -32.36 -1.93 -8.59
N CYS B 404 -33.33 -1.27 -7.96
CA CYS B 404 -34.75 -1.62 -8.05
C CYS B 404 -35.02 -3.03 -7.54
N SER B 405 -34.31 -3.41 -6.46
CA SER B 405 -34.48 -4.71 -5.85
C SER B 405 -35.36 -4.69 -4.60
N SER B 406 -35.60 -3.52 -4.02
CA SER B 406 -36.43 -3.42 -2.82
C SER B 406 -36.91 -1.98 -2.63
N PHE B 407 -37.62 -1.76 -1.53
CA PHE B 407 -38.17 -0.46 -1.15
C PHE B 407 -39.11 0.11 -2.20
N PHE B 408 -39.81 -0.79 -2.90
CA PHE B 408 -40.85 -0.41 -3.86
C PHE B 408 -40.31 0.50 -4.95
N GLN B 409 -39.03 0.32 -5.29
CA GLN B 409 -38.37 1.13 -6.30
C GLN B 409 -38.40 0.42 -7.65
N GLN B 410 -38.80 1.15 -8.69
CA GLN B 410 -38.82 0.60 -10.04
C GLN B 410 -38.45 1.66 -11.08
N CYS B 414 -32.69 5.59 -16.42
CA CYS B 414 -31.33 5.09 -16.66
C CYS B 414 -30.35 6.22 -17.00
N TYR B 415 -29.49 6.55 -16.03
CA TYR B 415 -28.50 7.61 -16.21
C TYR B 415 -27.59 7.31 -17.40
N CYS B 416 -27.26 8.37 -18.14
CA CYS B 416 -26.37 8.24 -19.28
C CYS B 416 -24.94 8.47 -18.82
N PRO B 417 -24.02 7.52 -19.02
CA PRO B 417 -22.66 7.67 -18.49
C PRO B 417 -21.82 8.74 -19.18
N VAL B 418 -22.32 9.34 -20.27
CA VAL B 418 -21.68 10.53 -20.84
C VAL B 418 -22.40 11.80 -20.39
N GLY B 419 -23.73 11.81 -20.53
CA GLY B 419 -24.47 13.03 -20.28
C GLY B 419 -24.49 13.47 -18.83
N PHE B 420 -24.58 12.51 -17.90
CA PHE B 420 -24.63 12.86 -16.48
C PHE B 420 -23.44 13.71 -16.09
N GLY B 421 -22.23 13.24 -16.38
CA GLY B 421 -21.04 14.03 -16.09
C GLY B 421 -21.03 15.35 -16.83
N ARG B 422 -21.31 15.32 -18.13
CA ARG B 422 -21.19 16.51 -18.98
C ARG B 422 -22.07 17.66 -18.47
N ARG B 423 -23.27 17.34 -17.99
CA ARG B 423 -24.16 18.38 -17.49
C ARG B 423 -23.72 18.86 -16.11
N THR B 424 -23.18 17.97 -15.27
CA THR B 424 -22.78 18.36 -13.92
C THR B 424 -21.51 19.21 -13.93
N ASP B 425 -20.54 18.85 -14.75
CA ASP B 425 -19.27 19.59 -14.84
C ASP B 425 -18.91 19.73 -16.31
N PRO B 426 -19.45 20.76 -16.97
CA PRO B 426 -19.24 20.88 -18.43
C PRO B 426 -17.79 21.06 -18.83
N ASN B 427 -16.98 21.76 -18.05
CA ASN B 427 -15.57 21.94 -18.39
C ASN B 427 -14.76 20.66 -18.22
N GLY B 428 -15.27 19.68 -17.46
CA GLY B 428 -14.58 18.42 -17.30
C GLY B 428 -13.37 18.44 -16.40
N ASP B 429 -13.27 19.44 -15.52
CA ASP B 429 -12.14 19.48 -14.60
C ASP B 429 -12.20 18.38 -13.56
N TYR B 430 -13.40 17.87 -13.25
CA TYR B 430 -13.49 16.66 -12.43
C TYR B 430 -12.77 15.49 -13.10
N ILE B 431 -12.99 15.30 -14.39
CA ILE B 431 -12.28 14.25 -15.12
C ILE B 431 -10.77 14.49 -15.08
N ARG B 432 -10.35 15.73 -15.36
CA ARG B 432 -8.92 16.02 -15.44
C ARG B 432 -8.23 15.80 -14.11
N ARG B 433 -8.95 16.01 -13.01
CA ARG B 433 -8.33 15.80 -11.70
C ARG B 433 -8.09 14.33 -11.42
N TYR B 434 -9.04 13.46 -11.75
CA TYR B 434 -8.94 12.07 -11.35
C TYR B 434 -8.45 11.14 -12.46
N LEU B 435 -8.44 11.58 -13.72
CA LEU B 435 -7.92 10.79 -14.84
C LEU B 435 -6.95 11.65 -15.63
N PRO B 436 -5.76 11.90 -15.09
CA PRO B 436 -4.83 12.82 -15.76
C PRO B 436 -4.41 12.37 -17.16
N VAL B 437 -4.56 11.09 -17.50
CA VAL B 437 -4.23 10.67 -18.87
C VAL B 437 -5.12 11.35 -19.91
N LEU B 438 -6.26 11.90 -19.50
CA LEU B 438 -7.19 12.58 -20.39
C LEU B 438 -7.08 14.10 -20.34
N ARG B 439 -6.09 14.63 -19.61
CA ARG B 439 -6.08 16.08 -19.32
C ARG B 439 -5.94 16.93 -20.57
N GLY B 440 -5.33 16.39 -21.63
CA GLY B 440 -5.19 17.18 -22.84
C GLY B 440 -6.44 17.28 -23.69
N PHE B 441 -7.50 16.53 -23.33
CA PHE B 441 -8.71 16.53 -24.15
C PHE B 441 -9.52 17.80 -23.88
N PRO B 442 -10.07 18.43 -24.93
CA PRO B 442 -10.98 19.57 -24.70
C PRO B 442 -12.25 19.12 -24.02
N ALA B 443 -12.98 20.10 -23.46
CA ALA B 443 -14.29 19.82 -22.89
C ALA B 443 -15.22 19.14 -23.89
N LYS B 444 -15.06 19.44 -25.18
CA LYS B 444 -15.93 18.84 -26.20
C LYS B 444 -15.84 17.32 -26.23
N TYR B 445 -14.67 16.74 -25.95
CA TYR B 445 -14.53 15.29 -26.00
C TYR B 445 -14.15 14.66 -24.66
N ILE B 446 -14.05 15.46 -23.59
CA ILE B 446 -13.51 14.95 -22.33
C ILE B 446 -14.39 13.86 -21.74
N TYR B 447 -15.69 13.90 -22.00
CA TYR B 447 -16.58 12.87 -21.48
C TYR B 447 -16.81 11.73 -22.46
N ASP B 448 -16.44 11.88 -23.73
CA ASP B 448 -16.57 10.82 -24.74
C ASP B 448 -15.34 10.87 -25.64
N PRO B 449 -14.17 10.52 -25.10
CA PRO B 449 -12.92 10.71 -25.86
C PRO B 449 -12.81 9.82 -27.08
N TRP B 450 -13.57 8.73 -27.17
CA TRP B 450 -13.58 7.91 -28.38
C TRP B 450 -14.10 8.68 -29.58
N ASN B 451 -14.88 9.75 -29.37
CA ASN B 451 -15.34 10.56 -30.49
C ASN B 451 -14.30 11.56 -30.97
N ALA B 452 -13.24 11.78 -30.20
CA ALA B 452 -12.26 12.77 -30.59
C ALA B 452 -11.50 12.31 -31.83
N PRO B 453 -11.21 13.22 -32.76
CA PRO B 453 -10.37 12.86 -33.92
C PRO B 453 -8.95 12.53 -33.47
N GLU B 454 -8.26 11.77 -34.32
CA GLU B 454 -6.94 11.26 -33.94
C GLU B 454 -5.93 12.37 -33.74
N GLY B 455 -6.03 13.45 -34.52
CA GLY B 455 -5.15 14.59 -34.31
C GLY B 455 -5.34 15.19 -32.93
N ILE B 456 -6.58 15.22 -32.45
CA ILE B 456 -6.86 15.68 -31.10
C ILE B 456 -6.28 14.70 -30.08
N GLN B 457 -6.45 13.40 -30.32
CA GLN B 457 -5.88 12.41 -29.41
C GLN B 457 -4.37 12.51 -29.37
N LYS B 458 -3.75 12.81 -30.52
CA LYS B 458 -2.29 12.83 -30.60
C LYS B 458 -1.71 14.04 -29.87
N VAL B 459 -2.37 15.19 -29.97
CA VAL B 459 -1.87 16.36 -29.25
C VAL B 459 -2.05 16.15 -27.74
N ALA B 460 -3.08 15.41 -27.33
CA ALA B 460 -3.29 15.08 -25.93
C ALA B 460 -2.46 13.87 -25.48
N LYS B 461 -1.73 13.24 -26.40
CA LYS B 461 -0.87 12.09 -26.10
C LYS B 461 -1.66 10.97 -25.40
N CYS B 462 -2.91 10.78 -25.83
CA CYS B 462 -3.77 9.73 -25.29
C CYS B 462 -4.56 9.11 -26.43
N LEU B 463 -4.05 8.00 -26.97
CA LEU B 463 -4.78 7.23 -27.99
C LEU B 463 -5.81 6.33 -27.32
N ILE B 464 -7.08 6.45 -27.71
CA ILE B 464 -8.12 5.65 -27.07
C ILE B 464 -7.99 4.20 -27.49
N GLY B 465 -8.06 3.29 -26.52
CA GLY B 465 -7.76 1.89 -26.75
C GLY B 465 -6.31 1.54 -26.53
N VAL B 466 -5.45 2.53 -26.31
CA VAL B 466 -4.03 2.34 -26.04
C VAL B 466 -3.71 2.92 -24.67
N ASN B 467 -3.74 4.25 -24.55
CA ASN B 467 -3.40 4.89 -23.27
C ASN B 467 -4.60 5.02 -22.33
N TYR B 468 -5.82 4.90 -22.86
CA TYR B 468 -7.03 4.92 -22.08
C TYR B 468 -7.99 4.02 -22.84
N PRO B 469 -8.71 3.14 -22.14
CA PRO B 469 -9.49 2.11 -22.84
C PRO B 469 -10.70 2.68 -23.57
N LYS B 470 -11.15 1.93 -24.58
CA LYS B 470 -12.40 2.18 -25.24
C LYS B 470 -13.58 1.86 -24.31
N PRO B 471 -14.77 2.41 -24.58
CA PRO B 471 -15.93 2.09 -23.73
C PRO B 471 -16.19 0.59 -23.71
N MET B 472 -16.48 0.07 -22.52
CA MET B 472 -16.63 -1.37 -22.37
C MET B 472 -17.96 -1.88 -22.91
N VAL B 473 -18.96 -1.02 -23.04
CA VAL B 473 -20.26 -1.43 -23.52
C VAL B 473 -20.83 -0.30 -24.37
N ASN B 474 -21.71 -0.66 -25.30
CA ASN B 474 -22.54 0.32 -25.99
C ASN B 474 -23.69 0.68 -25.05
N HIS B 475 -23.70 1.93 -24.57
CA HIS B 475 -24.66 2.29 -23.54
C HIS B 475 -26.10 2.21 -24.06
N ALA B 476 -26.35 2.68 -25.28
CA ALA B 476 -27.72 2.74 -25.78
C ALA B 476 -28.30 1.34 -25.95
N GLU B 477 -27.52 0.41 -26.51
CA GLU B 477 -28.00 -0.96 -26.65
C GLU B 477 -28.12 -1.65 -25.30
N ALA B 478 -27.13 -1.47 -24.44
CA ALA B 478 -27.14 -2.15 -23.15
C ALA B 478 -28.29 -1.65 -22.28
N SER B 479 -28.45 -0.33 -22.17
CA SER B 479 -29.53 0.21 -21.37
C SER B 479 -30.89 -0.24 -21.90
N ARG B 480 -31.06 -0.26 -23.24
CA ARG B 480 -32.34 -0.69 -23.81
C ARG B 480 -32.65 -2.13 -23.44
N LEU B 481 -31.66 -3.03 -23.54
CA LEU B 481 -31.88 -4.41 -23.14
C LEU B 481 -32.23 -4.51 -21.66
N ASN B 482 -31.51 -3.76 -20.81
CA ASN B 482 -31.70 -3.90 -19.37
C ASN B 482 -33.04 -3.34 -18.92
N ILE B 483 -33.51 -2.26 -19.56
CA ILE B 483 -34.83 -1.73 -19.23
C ILE B 483 -35.90 -2.74 -19.56
N GLU B 484 -35.76 -3.44 -20.69
CA GLU B 484 -36.72 -4.48 -21.04
C GLU B 484 -36.71 -5.61 -20.02
N ARG B 485 -35.52 -6.05 -19.61
CA ARG B 485 -35.40 -7.10 -18.60
C ARG B 485 -36.12 -6.69 -17.31
N MET B 486 -35.83 -5.48 -16.81
CA MET B 486 -36.44 -5.06 -15.56
C MET B 486 -37.95 -4.91 -15.68
N LYS B 487 -38.44 -4.49 -16.85
CA LYS B 487 -39.88 -4.43 -17.06
C LYS B 487 -40.49 -5.82 -16.98
N GLN B 488 -39.82 -6.82 -17.58
CA GLN B 488 -40.25 -8.21 -17.41
C GLN B 488 -40.35 -8.58 -15.94
N ILE B 489 -39.36 -8.20 -15.14
CA ILE B 489 -39.32 -8.58 -13.74
C ILE B 489 -40.55 -8.02 -13.01
N TYR B 490 -40.85 -6.75 -13.23
CA TYR B 490 -41.94 -6.12 -12.50
C TYR B 490 -43.30 -6.45 -13.10
N GLN B 491 -43.36 -6.81 -14.38
CA GLN B 491 -44.58 -7.39 -14.91
C GLN B 491 -44.83 -8.77 -14.31
N GLN B 492 -43.77 -9.55 -14.09
CA GLN B 492 -43.93 -10.88 -13.50
C GLN B 492 -44.51 -10.80 -12.09
N LEU B 493 -44.10 -9.79 -11.33
CA LEU B 493 -44.58 -9.62 -9.96
C LEU B 493 -45.84 -8.75 -9.90
N SER B 494 -46.78 -9.03 -10.80
CA SER B 494 -48.05 -8.31 -10.87
C SER B 494 -47.85 -6.80 -10.85
C11 EUL C . 12.44 -0.37 -3.26
C13 EUL C . 11.89 -1.67 -5.12
C02 EUL C . 14.12 -0.83 -1.47
C03 EUL C . 15.06 -0.23 -0.48
C04 EUL C . 14.55 0.28 0.74
C05 EUL C . 15.39 0.87 1.68
C06 EUL C . 16.76 1.03 1.43
C07 EUL C . 17.24 0.57 0.22
C08 EUL C . 16.39 -0.03 -0.67
C15 EUL C . 10.37 -0.14 -4.41
C16 EUL C . 11.22 0.28 -3.35
C17 EUL C . 10.56 1.35 -2.60
C18 EUL C . 9.35 1.69 -3.03
C19 EUL C . 8.49 2.73 -2.43
C20 EUL C . 8.99 3.15 -1.05
C21 EUL C . 10.50 3.27 -0.96
C22 EUL C . 11.21 2.00 -1.42
N10 EUL C . 13.37 0.00 -2.26
N12 EUL C . 12.80 -1.35 -4.15
N14 EUL C . 10.68 -1.11 -5.31
O01 EUL C . 14.05 -2.02 -1.62
S23 EUL C . 8.90 0.73 -4.40
BR9 EUL C . 17.23 -0.64 -2.31
C11 EUL D . -27.06 6.80 1.31
C13 EUL D . -26.81 8.16 3.18
C02 EUL D . -25.24 5.74 -0.06
C03 EUL D . -24.90 4.60 -0.90
C04 EUL D . -25.33 4.54 -2.24
C05 EUL D . -25.03 3.46 -3.07
C06 EUL D . -24.31 2.37 -2.57
C07 EUL D . -23.90 2.41 -1.24
C08 EUL D . -24.21 3.51 -0.47
C15 EUL D . -28.79 8.24 2.08
C16 EUL D . -28.36 7.27 1.14
C17 EUL D . -29.43 7.03 0.19
C18 EUL D . -30.55 7.72 0.38
C19 EUL D . -31.79 7.64 -0.45
C20 EUL D . -31.62 6.68 -1.64
C21 EUL D . -30.66 5.56 -1.35
C22 EUL D . -29.29 6.05 -0.92
N10 EUL D . -26.52 5.81 0.46
N12 EUL D . -26.27 7.22 2.35
N14 EUL D . -28.03 8.71 3.10
O01 EUL D . -24.43 6.59 0.22
S23 EUL D . -30.38 8.76 1.76
BR9 EUL D . -23.56 3.45 1.42
#